data_7TPU
#
_entry.id   7TPU
#
_cell.length_a   80.795
_cell.length_b   94.651
_cell.length_c   110.478
_cell.angle_alpha   90.000
_cell.angle_beta   90.000
_cell.angle_gamma   90.000
#
_symmetry.space_group_name_H-M   'P 21 21 21'
#
loop_
_entity.id
_entity.type
_entity.pdbx_description
1 polymer 'Beta-lactamase domain-containing protein'
2 branched alpha-D-mannopyranose-(1-3)-beta-D-mannopyranose-(1-4)-2-acetamido-2-deoxy-beta-D-glucopyranose-(1-4)-2-acetamido-2-deoxy-beta-D-glucopyranose
3 branched 2-acetamido-2-deoxy-beta-D-glucopyranose-(1-4)-2-acetamido-2-deoxy-beta-D-glucopyranose
4 water water
#
_entity_poly.entity_id   1
_entity_poly.type   'polypeptide(L)'
_entity_poly.pdbx_seq_one_letter_code
;EFLPNQRRSNVTSHVETYYSVDGATHAEKSKALKADGYRIVSLSSYGSPDSANYAAIWVQEEGPSFEIIHDADEATYNSW
LQTWKSRGYVSTQVSATGPAENAVFAGVMENINVANWFQSCELENPWAFSNTTGNVDVVVKGFRMFGTPEERRYCILGHE
NVGNEQTTIQYSTPSFTVNFASTFEAETTKRFWRPSRLFLSEDHIITPSFADTSVGKWSHAVDLTKAELKEKIETERAKG
LYPIDIQGGGSGSSERFTVVFAERTSPKPRQWNVRGEITGFEDNKAAEEEVDSIMRRFMEKNGVRQAQFAVALEGKTIAE
RSYTWAEDDRAIVEPDDIFLLASVSKMFLHASIDWLVSHDMLNFSTPVYDLLGYKPADSRANDINVQHLLDHSAGYDRSM
SGDPSFMFREIAQSLPTKGAKAATLRDVIEYVVAKPLDFTPGDYSAYSNYCPMLLSYVVTNITGVPYLDFLEKNILDGLN
VRLYETAASKHTEDRIVQESKNTGQDPVHPQSAKLVPGPHGGDGAVKEECAGTFAMAASASSLAKFIGSHAVWGTGGRVS
SNRDGSLSGARAYVESRGTIDWALTLNTREYISETEFDELRWYSLPDFLSAFPIAG
;
_entity_poly.pdbx_strand_id   A
#
loop_
_chem_comp.id
_chem_comp.type
_chem_comp.name
_chem_comp.formula
BMA D-saccharide, beta linking beta-D-mannopyranose 'C6 H12 O6'
MAN D-saccharide, alpha linking alpha-D-mannopyranose 'C6 H12 O6'
NAG D-saccharide, beta linking 2-acetamido-2-deoxy-beta-D-glucopyranose 'C8 H15 N O6'
#
# COMPACT_ATOMS: atom_id res chain seq x y z
N SER A 13 4.30 18.31 -25.74
CA SER A 13 4.40 18.98 -24.41
C SER A 13 3.21 19.93 -24.21
N HIS A 14 2.78 20.64 -25.27
CA HIS A 14 1.57 21.52 -25.25
C HIS A 14 0.29 20.66 -25.16
N VAL A 15 -0.66 21.09 -24.34
CA VAL A 15 -1.89 20.32 -24.00
C VAL A 15 -3.11 21.06 -24.55
N GLU A 16 -3.83 20.44 -25.47
CA GLU A 16 -5.08 20.98 -26.04
C GLU A 16 -6.25 20.19 -25.44
N THR A 17 -7.26 20.89 -24.93
CA THR A 17 -8.47 20.30 -24.32
C THR A 17 -9.72 20.85 -25.00
N TYR A 18 -10.71 20.00 -25.24
CA TYR A 18 -12.08 20.44 -25.61
C TYR A 18 -13.08 19.53 -24.92
N TYR A 19 -14.26 20.06 -24.69
CA TYR A 19 -15.38 19.44 -23.95
C TYR A 19 -16.67 20.02 -24.51
N SER A 20 -17.77 19.34 -24.29
CA SER A 20 -19.12 19.70 -24.77
C SER A 20 -19.13 19.82 -26.31
N VAL A 21 -18.45 18.91 -27.01
CA VAL A 21 -18.52 18.90 -28.51
C VAL A 21 -19.23 17.63 -28.95
N ASP A 22 -19.94 17.71 -30.08
CA ASP A 22 -20.63 16.56 -30.73
C ASP A 22 -19.59 15.74 -31.51
N GLY A 23 -20.00 14.58 -32.00
CA GLY A 23 -19.17 13.65 -32.79
C GLY A 23 -18.48 14.33 -33.94
N ALA A 24 -19.24 15.10 -34.74
CA ALA A 24 -18.72 15.82 -35.92
C ALA A 24 -17.61 16.79 -35.51
N THR A 25 -17.79 17.57 -34.44
CA THR A 25 -16.76 18.56 -33.98
C THR A 25 -15.54 17.79 -33.45
N HIS A 26 -15.76 16.75 -32.63
CA HIS A 26 -14.68 15.85 -32.13
C HIS A 26 -13.83 15.37 -33.32
N ALA A 27 -14.46 14.81 -34.36
CA ALA A 27 -13.80 14.26 -35.56
C ALA A 27 -13.01 15.34 -36.31
N GLU A 28 -13.51 16.57 -36.43
CA GLU A 28 -12.79 17.69 -37.08
C GLU A 28 -11.54 18.02 -36.27
N LYS A 29 -11.71 18.33 -34.98
CA LYS A 29 -10.59 18.71 -34.07
C LYS A 29 -9.55 17.59 -34.02
N SER A 30 -9.98 16.33 -33.98
CA SER A 30 -9.12 15.11 -33.92
C SER A 30 -8.18 15.09 -35.13
N LYS A 31 -8.73 15.22 -36.33
CA LYS A 31 -8.03 15.15 -37.65
C LYS A 31 -6.96 16.24 -37.76
N ALA A 32 -7.24 17.46 -37.25
CA ALA A 32 -6.36 18.65 -37.31
C ALA A 32 -5.25 18.55 -36.25
N LEU A 33 -5.62 18.22 -35.02
CA LEU A 33 -4.64 18.02 -33.92
C LEU A 33 -3.68 16.90 -34.34
N LYS A 34 -4.21 15.80 -34.87
CA LYS A 34 -3.38 14.63 -35.23
C LYS A 34 -2.39 15.00 -36.34
N ALA A 35 -2.87 15.78 -37.32
CA ALA A 35 -2.08 16.23 -38.50
C ALA A 35 -1.01 17.23 -38.05
N ASP A 36 -1.22 17.90 -36.91
CA ASP A 36 -0.27 18.87 -36.30
C ASP A 36 0.54 18.19 -35.17
N GLY A 37 0.59 16.85 -35.13
CA GLY A 37 1.55 16.11 -34.28
C GLY A 37 1.10 15.93 -32.84
N TYR A 38 -0.21 15.96 -32.60
CA TYR A 38 -0.83 15.67 -31.28
C TYR A 38 -1.28 14.22 -31.25
N ARG A 39 -1.24 13.63 -30.05
CA ARG A 39 -1.84 12.31 -29.74
C ARG A 39 -2.91 12.50 -28.67
N ILE A 40 -3.99 11.73 -28.78
CA ILE A 40 -5.11 11.72 -27.79
C ILE A 40 -4.65 10.93 -26.57
N VAL A 41 -4.73 11.53 -25.37
CA VAL A 41 -4.37 10.87 -24.07
C VAL A 41 -5.60 10.71 -23.15
N SER A 42 -6.79 11.21 -23.52
CA SER A 42 -8.05 11.11 -22.74
C SER A 42 -9.26 11.21 -23.70
N LEU A 43 -10.22 10.31 -23.57
CA LEU A 43 -11.50 10.40 -24.31
C LEU A 43 -12.65 10.02 -23.38
N SER A 44 -13.62 10.94 -23.25
CA SER A 44 -14.86 10.78 -22.47
C SER A 44 -16.03 10.92 -23.44
N SER A 45 -16.99 9.99 -23.40
CA SER A 45 -18.28 10.11 -24.11
C SER A 45 -19.36 10.24 -23.04
N TYR A 46 -20.40 11.05 -23.28
CA TYR A 46 -21.50 11.25 -22.31
C TYR A 46 -22.71 11.82 -23.05
N GLY A 47 -23.78 12.05 -22.30
CA GLY A 47 -25.07 12.52 -22.81
C GLY A 47 -25.94 11.39 -23.34
N SER A 48 -26.93 11.77 -24.14
CA SER A 48 -27.90 10.91 -24.85
C SER A 48 -27.19 10.19 -25.99
N PRO A 49 -27.43 8.89 -26.23
CA PRO A 49 -26.80 8.19 -27.35
C PRO A 49 -27.12 8.77 -28.75
N ASP A 50 -28.29 9.42 -28.93
CA ASP A 50 -28.71 10.08 -30.20
C ASP A 50 -28.00 11.42 -30.39
N SER A 51 -27.39 11.98 -29.34
CA SER A 51 -26.65 13.28 -29.36
C SER A 51 -25.52 13.29 -28.32
N ALA A 52 -24.64 12.29 -28.34
CA ALA A 52 -23.52 12.17 -27.37
C ALA A 52 -22.61 13.37 -27.55
N ASN A 53 -21.98 13.79 -26.45
CA ASN A 53 -20.94 14.85 -26.40
C ASN A 53 -19.62 14.19 -25.99
N TYR A 54 -18.48 14.82 -26.29
CA TYR A 54 -17.12 14.27 -26.08
C TYR A 54 -16.26 15.32 -25.39
N ALA A 55 -15.41 14.84 -24.49
CA ALA A 55 -14.31 15.61 -23.89
C ALA A 55 -13.03 14.81 -24.16
N ALA A 56 -11.98 15.51 -24.58
CA ALA A 56 -10.71 14.94 -25.09
C ALA A 56 -9.56 15.81 -24.60
N ILE A 57 -8.41 15.18 -24.37
CA ILE A 57 -7.13 15.89 -24.13
C ILE A 57 -6.14 15.38 -25.17
N TRP A 58 -5.39 16.31 -25.77
CA TRP A 58 -4.41 16.01 -26.84
C TRP A 58 -3.08 16.64 -26.42
N VAL A 59 -1.99 15.88 -26.58
CA VAL A 59 -0.62 16.29 -26.15
C VAL A 59 0.27 16.24 -27.40
N GLN A 60 0.98 17.34 -27.68
CA GLN A 60 1.84 17.45 -28.89
C GLN A 60 3.18 16.76 -28.62
N GLU A 61 3.30 15.48 -28.99
CA GLU A 61 4.53 14.66 -28.80
C GLU A 61 4.49 13.46 -29.76
N GLU A 62 5.66 12.91 -30.05
CA GLU A 62 5.83 11.75 -30.97
C GLU A 62 5.34 10.50 -30.26
N GLY A 63 4.94 9.46 -30.99
CA GLY A 63 4.56 8.19 -30.36
C GLY A 63 3.97 7.22 -31.36
N PRO A 64 3.54 6.03 -30.92
CA PRO A 64 3.11 5.00 -31.86
C PRO A 64 1.76 5.37 -32.48
N SER A 65 1.51 4.82 -33.67
CA SER A 65 0.24 4.96 -34.42
C SER A 65 -0.95 4.69 -33.48
N PHE A 66 -2.09 5.30 -33.75
CA PHE A 66 -3.33 5.07 -32.98
C PHE A 66 -4.54 5.28 -33.87
N GLU A 67 -5.65 4.72 -33.42
CA GLU A 67 -6.96 4.76 -34.09
C GLU A 67 -7.98 5.20 -33.04
N ILE A 68 -9.00 5.95 -33.46
CA ILE A 68 -10.10 6.48 -32.61
C ILE A 68 -11.43 6.15 -33.28
N ILE A 69 -12.47 5.97 -32.47
CA ILE A 69 -13.85 5.76 -32.94
C ILE A 69 -14.78 6.45 -31.94
N HIS A 70 -15.96 6.87 -32.40
CA HIS A 70 -16.99 7.58 -31.60
C HIS A 70 -18.34 7.39 -32.30
N ASP A 71 -19.44 7.63 -31.58
CA ASP A 71 -20.83 7.42 -32.06
C ASP A 71 -20.99 5.98 -32.59
N ALA A 72 -20.24 5.01 -32.07
CA ALA A 72 -20.25 3.59 -32.49
C ALA A 72 -21.27 2.80 -31.67
N ASP A 73 -22.21 2.10 -32.31
CA ASP A 73 -23.11 1.13 -31.63
C ASP A 73 -22.22 -0.05 -31.22
N GLU A 74 -22.76 -0.96 -30.41
CA GLU A 74 -22.01 -2.12 -29.84
C GLU A 74 -21.35 -2.94 -30.97
N ALA A 75 -22.08 -3.23 -32.05
CA ALA A 75 -21.61 -4.08 -33.18
C ALA A 75 -20.38 -3.43 -33.83
N THR A 76 -20.46 -2.13 -34.14
CA THR A 76 -19.39 -1.33 -34.80
C THR A 76 -18.16 -1.28 -33.89
N TYR A 77 -18.37 -1.09 -32.58
CA TYR A 77 -17.27 -0.91 -31.62
C TYR A 77 -16.54 -2.26 -31.53
N ASN A 78 -17.27 -3.36 -31.30
CA ASN A 78 -16.67 -4.72 -31.14
C ASN A 78 -15.93 -5.15 -32.39
N SER A 79 -16.49 -4.88 -33.58
CA SER A 79 -15.88 -5.16 -34.91
C SER A 79 -14.58 -4.35 -35.04
N TRP A 80 -14.63 -3.07 -34.72
CA TRP A 80 -13.45 -2.17 -34.81
C TRP A 80 -12.42 -2.58 -33.75
N LEU A 81 -12.85 -2.94 -32.54
CA LEU A 81 -11.91 -3.36 -31.46
C LEU A 81 -11.13 -4.59 -31.93
N GLN A 82 -11.87 -5.66 -32.24
CA GLN A 82 -11.35 -6.98 -32.69
C GLN A 82 -10.46 -6.79 -33.94
N THR A 83 -10.84 -5.92 -34.87
CA THR A 83 -10.08 -5.63 -36.12
C THR A 83 -8.70 -5.06 -35.77
N TRP A 84 -8.64 -4.05 -34.92
CA TRP A 84 -7.34 -3.38 -34.56
C TRP A 84 -6.54 -4.24 -33.58
N LYS A 85 -7.21 -5.04 -32.73
CA LYS A 85 -6.55 -6.06 -31.86
C LYS A 85 -5.74 -7.02 -32.76
N SER A 86 -6.39 -7.62 -33.77
CA SER A 86 -5.77 -8.53 -34.78
C SER A 86 -4.57 -7.87 -35.46
N ARG A 87 -4.38 -6.55 -35.40
CA ARG A 87 -3.22 -5.85 -36.02
C ARG A 87 -2.20 -5.41 -34.96
N GLY A 88 -2.30 -5.94 -33.73
CA GLY A 88 -1.30 -5.71 -32.66
C GLY A 88 -1.57 -4.46 -31.84
N TYR A 89 -2.68 -3.77 -32.11
CA TYR A 89 -3.09 -2.54 -31.36
C TYR A 89 -3.74 -2.91 -30.03
N VAL A 90 -3.66 -1.96 -29.11
CA VAL A 90 -4.07 -2.10 -27.68
C VAL A 90 -5.03 -0.95 -27.34
N SER A 91 -6.19 -1.29 -26.79
CA SER A 91 -7.21 -0.35 -26.26
C SER A 91 -6.60 0.43 -25.09
N THR A 92 -6.51 1.77 -25.18
CA THR A 92 -5.98 2.63 -24.09
C THR A 92 -7.07 3.54 -23.52
N GLN A 93 -8.18 3.72 -24.24
CA GLN A 93 -9.36 4.51 -23.79
C GLN A 93 -10.64 3.80 -24.27
N VAL A 94 -11.65 3.74 -23.39
CA VAL A 94 -12.99 3.17 -23.70
C VAL A 94 -14.04 3.96 -22.92
N SER A 95 -15.06 4.42 -23.63
CA SER A 95 -16.21 5.19 -23.10
C SER A 95 -17.47 4.70 -23.78
N ALA A 96 -18.59 4.81 -23.08
CA ALA A 96 -19.92 4.47 -23.59
C ALA A 96 -20.93 5.38 -22.89
N THR A 97 -22.03 5.67 -23.57
CA THR A 97 -23.15 6.40 -22.95
C THR A 97 -24.46 5.84 -23.51
N GLY A 98 -25.44 5.69 -22.62
CA GLY A 98 -26.84 5.37 -22.98
C GLY A 98 -27.30 4.06 -22.37
N PRO A 99 -28.58 3.72 -22.55
CA PRO A 99 -29.11 2.42 -22.13
C PRO A 99 -28.41 1.33 -22.92
N ALA A 100 -28.20 0.17 -22.29
CA ALA A 100 -27.51 -1.02 -22.84
C ALA A 100 -27.84 -1.23 -24.33
N GLU A 101 -29.14 -1.36 -24.65
CA GLU A 101 -29.64 -1.77 -26.00
C GLU A 101 -29.23 -0.75 -27.06
N ASN A 102 -29.05 0.51 -26.63
CA ASN A 102 -29.05 1.72 -27.48
C ASN A 102 -27.70 2.46 -27.38
N ALA A 103 -26.78 1.97 -26.57
CA ALA A 103 -25.55 2.68 -26.16
C ALA A 103 -24.68 2.99 -27.39
N VAL A 104 -23.98 4.12 -27.36
CA VAL A 104 -22.89 4.44 -28.32
C VAL A 104 -21.55 4.35 -27.59
N PHE A 105 -20.48 4.00 -28.32
CA PHE A 105 -19.15 3.69 -27.76
C PHE A 105 -18.14 4.62 -28.43
N ALA A 106 -17.07 4.90 -27.70
CA ALA A 106 -15.86 5.58 -28.20
C ALA A 106 -14.63 4.92 -27.58
N GLY A 107 -13.48 5.02 -28.26
CA GLY A 107 -12.26 4.35 -27.83
C GLY A 107 -11.06 4.82 -28.59
N VAL A 108 -9.89 4.47 -28.05
CA VAL A 108 -8.56 4.69 -28.67
C VAL A 108 -7.79 3.36 -28.61
N MET A 109 -7.37 2.84 -29.77
CA MET A 109 -6.40 1.73 -29.90
C MET A 109 -5.05 2.32 -30.27
N GLU A 110 -3.98 1.84 -29.64
CA GLU A 110 -2.59 2.30 -29.92
C GLU A 110 -1.73 1.10 -30.28
N ASN A 111 -0.74 1.32 -31.14
CA ASN A 111 0.25 0.30 -31.57
C ASN A 111 1.37 0.30 -30.52
N ILE A 112 1.06 -0.18 -29.31
CA ILE A 112 2.02 -0.25 -28.16
C ILE A 112 2.24 -1.73 -27.85
N ASN A 113 3.29 -2.01 -27.07
CA ASN A 113 3.62 -3.39 -26.62
C ASN A 113 3.17 -3.52 -25.17
N VAL A 114 2.00 -4.12 -24.99
CA VAL A 114 1.47 -4.54 -23.67
C VAL A 114 1.23 -6.04 -23.75
N ALA A 115 2.03 -6.81 -22.99
CA ALA A 115 1.93 -8.27 -22.82
C ALA A 115 0.45 -8.69 -22.79
N ASN A 116 -0.27 -8.31 -21.74
CA ASN A 116 -1.66 -8.76 -21.46
C ASN A 116 -2.55 -7.56 -21.15
N TRP A 117 -3.65 -7.42 -21.88
CA TRP A 117 -4.73 -6.46 -21.55
C TRP A 117 -6.08 -7.16 -21.62
N PHE A 118 -7.09 -6.52 -21.05
CA PHE A 118 -8.44 -7.07 -20.80
C PHE A 118 -9.43 -5.92 -20.91
N GLN A 119 -10.60 -6.20 -21.43
CA GLN A 119 -11.66 -5.17 -21.60
C GLN A 119 -12.98 -5.91 -21.78
N SER A 120 -14.00 -5.46 -21.07
CA SER A 120 -15.38 -5.90 -21.31
C SER A 120 -16.29 -4.70 -21.17
N CYS A 121 -17.25 -4.57 -22.11
CA CYS A 121 -18.34 -3.59 -22.05
C CYS A 121 -19.67 -4.31 -21.80
N GLU A 122 -19.61 -5.55 -21.29
CA GLU A 122 -20.82 -6.40 -21.05
C GLU A 122 -20.97 -6.69 -19.56
N LEU A 123 -20.21 -6.03 -18.69
CA LEU A 123 -20.24 -6.30 -17.24
C LEU A 123 -21.51 -5.68 -16.68
N GLU A 124 -22.26 -6.43 -15.86
CA GLU A 124 -23.47 -5.94 -15.14
C GLU A 124 -23.07 -5.55 -13.72
N ASN A 125 -21.90 -6.03 -13.31
CA ASN A 125 -21.26 -5.72 -12.02
C ASN A 125 -19.79 -5.43 -12.29
N PRO A 126 -19.23 -4.33 -11.76
CA PRO A 126 -17.82 -4.01 -11.95
C PRO A 126 -16.88 -5.02 -11.27
N TRP A 127 -17.33 -5.64 -10.18
CA TRP A 127 -16.51 -6.62 -9.42
C TRP A 127 -16.31 -7.88 -10.27
N ALA A 128 -17.17 -8.14 -11.25
CA ALA A 128 -17.04 -9.30 -12.17
C ALA A 128 -15.80 -9.15 -13.07
N PHE A 129 -15.12 -8.00 -13.05
CA PHE A 129 -13.97 -7.74 -13.94
C PHE A 129 -12.82 -8.71 -13.62
N SER A 130 -12.69 -9.18 -12.38
CA SER A 130 -11.64 -10.14 -11.93
C SER A 130 -11.75 -11.48 -12.68
N ASN A 131 -12.98 -11.96 -12.94
CA ASN A 131 -13.21 -13.19 -13.74
C ASN A 131 -12.60 -13.01 -15.14
N THR A 132 -12.68 -11.81 -15.73
CA THR A 132 -12.11 -11.46 -17.07
C THR A 132 -10.57 -11.45 -17.04
N THR A 133 -9.95 -11.14 -15.90
CA THR A 133 -8.49 -10.86 -15.78
C THR A 133 -7.75 -12.07 -15.22
N GLY A 134 -8.47 -13.06 -14.70
CA GLY A 134 -7.87 -14.30 -14.14
C GLY A 134 -6.97 -14.00 -12.95
N ASN A 135 -5.73 -14.51 -13.02
CA ASN A 135 -4.70 -14.41 -11.94
C ASN A 135 -3.76 -13.22 -12.20
N VAL A 136 -4.10 -12.32 -13.11
CA VAL A 136 -3.17 -11.20 -13.46
C VAL A 136 -3.69 -9.91 -12.82
N ASP A 137 -2.78 -9.24 -12.11
CA ASP A 137 -3.01 -7.91 -11.52
C ASP A 137 -3.06 -6.89 -12.65
N VAL A 138 -4.09 -6.04 -12.69
CA VAL A 138 -4.16 -4.98 -13.73
C VAL A 138 -4.32 -3.61 -13.09
N VAL A 139 -3.88 -2.60 -13.84
CA VAL A 139 -4.22 -1.17 -13.59
C VAL A 139 -5.38 -0.84 -14.51
N VAL A 140 -6.50 -0.38 -13.96
CA VAL A 140 -7.68 0.05 -14.76
C VAL A 140 -7.30 1.35 -15.47
N LYS A 141 -7.33 1.37 -16.81
CA LYS A 141 -6.91 2.51 -17.67
C LYS A 141 -8.11 3.27 -18.24
N GLY A 142 -9.28 2.62 -18.30
CA GLY A 142 -10.48 3.12 -18.95
C GLY A 142 -11.68 2.58 -18.22
N PHE A 143 -12.78 3.33 -18.22
CA PHE A 143 -13.99 3.00 -17.45
C PHE A 143 -15.13 3.89 -17.92
N ARG A 144 -16.34 3.35 -17.89
CA ARG A 144 -17.60 4.15 -17.90
C ARG A 144 -18.70 3.26 -17.36
N MET A 145 -19.32 3.68 -16.26
CA MET A 145 -20.60 3.10 -15.81
C MET A 145 -21.69 3.68 -16.71
N PHE A 146 -22.15 2.92 -17.72
CA PHE A 146 -23.22 3.33 -18.66
C PHE A 146 -24.51 2.57 -18.34
N GLY A 147 -25.43 2.53 -19.29
CA GLY A 147 -26.79 2.01 -19.05
C GLY A 147 -27.58 3.04 -18.29
N THR A 148 -28.41 2.58 -17.37
CA THR A 148 -29.33 3.36 -16.50
C THR A 148 -29.18 2.86 -15.08
N PRO A 149 -29.73 3.58 -14.08
CA PRO A 149 -29.64 3.12 -12.68
C PRO A 149 -30.28 1.73 -12.45
N GLU A 150 -31.38 1.41 -13.14
CA GLU A 150 -32.14 0.13 -12.97
C GLU A 150 -31.44 -1.02 -13.71
N GLU A 151 -30.66 -0.71 -14.75
CA GLU A 151 -29.98 -1.72 -15.60
C GLU A 151 -28.56 -1.20 -15.94
N ARG A 152 -27.67 -1.28 -14.96
CA ARG A 152 -26.30 -0.72 -15.03
C ARG A 152 -25.43 -1.62 -15.91
N ARG A 153 -24.62 -1.00 -16.75
CA ARG A 153 -23.58 -1.67 -17.57
C ARG A 153 -22.26 -0.93 -17.35
N TYR A 154 -21.15 -1.65 -17.52
CA TYR A 154 -19.77 -1.18 -17.29
C TYR A 154 -18.88 -1.59 -18.44
N CYS A 155 -18.18 -0.60 -18.98
CA CYS A 155 -16.93 -0.76 -19.76
C CYS A 155 -15.77 -0.63 -18.77
N ILE A 156 -14.97 -1.67 -18.60
CA ILE A 156 -13.71 -1.60 -17.84
C ILE A 156 -12.58 -2.10 -18.74
N LEU A 157 -11.48 -1.34 -18.81
CA LEU A 157 -10.24 -1.71 -19.55
C LEU A 157 -9.07 -1.73 -18.55
N GLY A 158 -8.27 -2.80 -18.57
CA GLY A 158 -7.09 -2.94 -17.69
C GLY A 158 -5.86 -3.47 -18.43
N HIS A 159 -4.70 -2.90 -18.12
CA HIS A 159 -3.38 -3.41 -18.57
C HIS A 159 -2.71 -4.15 -17.41
N GLU A 160 -2.11 -5.32 -17.70
CA GLU A 160 -1.17 -6.02 -16.79
C GLU A 160 -0.32 -4.98 -16.06
N ASN A 161 -0.13 -5.17 -14.76
CA ASN A 161 0.56 -4.17 -13.90
C ASN A 161 2.07 -4.47 -13.91
N VAL A 162 2.71 -4.32 -15.07
CA VAL A 162 4.20 -4.34 -15.17
C VAL A 162 4.74 -3.22 -14.28
N GLY A 163 5.71 -3.53 -13.42
CA GLY A 163 6.26 -2.60 -12.41
C GLY A 163 5.48 -2.57 -11.10
N ASN A 164 4.33 -3.25 -11.01
CA ASN A 164 3.57 -3.39 -9.74
C ASN A 164 3.23 -2.00 -9.19
N GLU A 165 2.67 -1.15 -10.06
CA GLU A 165 2.19 0.20 -9.72
C GLU A 165 1.10 0.08 -8.65
N GLN A 166 1.07 1.04 -7.74
CA GLN A 166 0.09 1.08 -6.62
C GLN A 166 -1.07 1.99 -7.03
N THR A 167 -2.26 1.40 -7.15
CA THR A 167 -3.48 2.06 -7.67
C THR A 167 -4.72 1.55 -6.94
N THR A 168 -5.78 2.34 -6.97
CA THR A 168 -7.14 1.96 -6.50
C THR A 168 -8.16 2.63 -7.41
N ILE A 169 -9.34 2.03 -7.45
CA ILE A 169 -10.52 2.56 -8.14
C ILE A 169 -11.69 2.16 -7.24
N GLN A 170 -12.60 3.09 -6.94
CA GLN A 170 -13.73 2.79 -6.02
C GLN A 170 -15.02 2.78 -6.83
N TYR A 171 -15.55 1.59 -7.04
CA TYR A 171 -16.69 1.31 -7.93
C TYR A 171 -17.97 1.58 -7.16
N SER A 172 -18.99 2.07 -7.86
CA SER A 172 -20.40 2.08 -7.39
C SER A 172 -21.18 0.94 -8.07
N THR A 173 -22.00 0.19 -7.32
CA THR A 173 -22.87 -0.88 -7.88
C THR A 173 -24.33 -0.48 -7.71
N PRO A 174 -25.26 -1.19 -8.40
CA PRO A 174 -26.69 -1.00 -8.16
C PRO A 174 -27.05 -0.92 -6.67
N SER A 175 -26.27 -1.56 -5.79
CA SER A 175 -26.57 -1.70 -4.35
C SER A 175 -25.67 -0.82 -3.46
N PHE A 176 -24.66 -0.12 -4.01
CA PHE A 176 -23.78 0.77 -3.21
C PHE A 176 -23.22 1.92 -4.06
N THR A 177 -23.37 3.16 -3.56
CA THR A 177 -22.90 4.42 -4.19
C THR A 177 -21.77 5.03 -3.35
N VAL A 178 -20.59 5.16 -3.96
CA VAL A 178 -19.37 5.80 -3.38
C VAL A 178 -19.69 7.27 -3.03
N ASN A 179 -19.47 7.68 -1.78
CA ASN A 179 -19.46 9.12 -1.38
C ASN A 179 -18.12 9.69 -1.87
N PHE A 180 -18.15 10.58 -2.85
CA PHE A 180 -16.93 11.03 -3.56
C PHE A 180 -16.03 11.86 -2.62
N ALA A 181 -16.60 12.81 -1.87
CA ALA A 181 -15.83 13.72 -0.97
C ALA A 181 -15.05 12.88 0.06
N SER A 182 -15.69 11.89 0.69
CA SER A 182 -15.07 11.10 1.79
C SER A 182 -14.04 10.12 1.20
N THR A 183 -14.30 9.52 0.02
CA THR A 183 -13.36 8.62 -0.69
C THR A 183 -12.14 9.43 -1.14
N PHE A 184 -12.35 10.58 -1.77
CA PHE A 184 -11.24 11.49 -2.20
C PHE A 184 -10.37 11.88 -1.00
N GLU A 185 -10.97 12.27 0.13
CA GLU A 185 -10.21 12.65 1.35
C GLU A 185 -9.42 11.43 1.85
N ALA A 186 -10.06 10.26 1.97
CA ALA A 186 -9.40 9.03 2.51
C ALA A 186 -8.20 8.65 1.65
N GLU A 187 -8.37 8.63 0.32
CA GLU A 187 -7.35 8.10 -0.63
C GLU A 187 -6.16 9.05 -0.70
N THR A 188 -6.40 10.36 -0.63
CA THR A 188 -5.32 11.38 -0.73
C THR A 188 -4.72 11.68 0.65
N THR A 189 -5.17 11.02 1.72
CA THR A 189 -4.45 11.10 3.03
C THR A 189 -3.20 10.22 2.94
N LYS A 190 -3.22 9.16 2.12
CA LYS A 190 -2.02 8.33 1.88
C LYS A 190 -0.96 9.21 1.20
N ARG A 191 0.28 9.15 1.66
CA ARG A 191 1.39 10.01 1.14
C ARG A 191 1.56 9.78 -0.36
N PHE A 192 1.57 10.86 -1.16
CA PHE A 192 1.86 10.90 -2.61
C PHE A 192 0.69 10.37 -3.43
N TRP A 193 -0.41 10.02 -2.78
CA TRP A 193 -1.58 9.49 -3.51
C TRP A 193 -2.34 10.68 -4.10
N ARG A 194 -2.83 10.49 -5.32
CA ARG A 194 -3.40 11.55 -6.17
C ARG A 194 -4.46 10.95 -7.07
N PRO A 195 -5.50 11.72 -7.50
CA PRO A 195 -6.42 11.22 -8.52
C PRO A 195 -5.68 11.00 -9.85
N SER A 196 -5.97 9.90 -10.53
CA SER A 196 -5.55 9.64 -11.93
C SER A 196 -6.73 9.98 -12.86
N ARG A 197 -7.93 9.51 -12.53
CA ARG A 197 -9.17 9.77 -13.33
C ARG A 197 -10.39 9.89 -12.42
N LEU A 198 -11.35 10.70 -12.83
CA LEU A 198 -12.61 10.97 -12.10
C LEU A 198 -13.75 10.69 -13.06
N PHE A 199 -13.96 9.40 -13.35
CA PHE A 199 -15.03 8.87 -14.23
C PHE A 199 -16.38 9.37 -13.69
N LEU A 200 -17.31 9.68 -14.59
CA LEU A 200 -18.58 10.37 -14.28
C LEU A 200 -19.69 9.71 -15.11
N SER A 201 -20.76 9.26 -14.44
CA SER A 201 -21.93 8.58 -15.05
C SER A 201 -22.99 9.63 -15.42
N GLU A 202 -23.99 9.20 -16.18
CA GLU A 202 -25.10 10.07 -16.63
C GLU A 202 -25.92 10.49 -15.42
N ASP A 203 -25.89 9.69 -14.34
CA ASP A 203 -26.62 10.03 -13.10
C ASP A 203 -25.65 10.65 -12.08
N HIS A 204 -24.57 11.28 -12.56
CA HIS A 204 -23.65 12.17 -11.79
C HIS A 204 -22.93 11.40 -10.67
N ILE A 205 -22.68 10.11 -10.86
CA ILE A 205 -21.91 9.30 -9.87
C ILE A 205 -20.45 9.35 -10.31
N ILE A 206 -19.56 9.69 -9.38
CA ILE A 206 -18.10 9.71 -9.68
C ILE A 206 -17.49 8.35 -9.33
N THR A 207 -16.77 7.76 -10.30
CA THR A 207 -15.93 6.57 -10.09
C THR A 207 -14.48 7.02 -10.18
N PRO A 208 -13.85 7.34 -9.04
CA PRO A 208 -12.48 7.86 -9.04
C PRO A 208 -11.43 6.74 -9.00
N SER A 209 -10.32 6.97 -9.69
CA SER A 209 -9.12 6.09 -9.64
C SER A 209 -7.94 6.92 -9.17
N PHE A 210 -7.10 6.34 -8.30
CA PHE A 210 -5.91 7.00 -7.69
C PHE A 210 -4.65 6.21 -8.01
N ALA A 211 -3.52 6.91 -7.87
CA ALA A 211 -2.14 6.42 -8.08
C ALA A 211 -1.24 7.19 -7.11
N ASP A 212 -0.04 6.66 -6.81
CA ASP A 212 1.00 7.34 -5.99
C ASP A 212 2.21 7.68 -6.88
N THR A 213 2.08 7.52 -8.21
CA THR A 213 3.06 8.11 -9.17
C THR A 213 2.92 9.63 -9.11
N SER A 214 3.94 10.34 -9.60
CA SER A 214 4.13 11.79 -9.39
C SER A 214 4.04 12.49 -10.74
N VAL A 215 3.16 13.51 -10.84
CA VAL A 215 2.96 14.39 -12.02
C VAL A 215 3.25 15.84 -11.63
N GLY A 216 4.08 16.04 -10.59
CA GLY A 216 4.31 17.36 -10.00
C GLY A 216 3.07 17.83 -9.27
N LYS A 217 2.88 19.15 -9.17
CA LYS A 217 1.66 19.73 -8.56
C LYS A 217 0.45 19.29 -9.41
N TRP A 218 -0.64 18.95 -8.73
CA TRP A 218 -1.91 18.55 -9.36
C TRP A 218 -3.05 19.27 -8.63
N SER A 219 -4.22 19.33 -9.27
CA SER A 219 -5.49 19.78 -8.67
C SER A 219 -6.64 19.08 -9.40
N HIS A 220 -7.86 19.30 -8.93
CA HIS A 220 -9.05 18.60 -9.42
C HIS A 220 -10.28 19.47 -9.15
N ALA A 221 -11.34 19.25 -9.91
CA ALA A 221 -12.67 19.81 -9.60
C ALA A 221 -13.72 18.80 -10.09
N VAL A 222 -14.85 18.77 -9.44
CA VAL A 222 -15.96 17.89 -9.86
C VAL A 222 -17.26 18.73 -9.91
N ASP A 223 -18.32 18.15 -10.46
CA ASP A 223 -19.66 18.77 -10.50
C ASP A 223 -19.59 20.18 -11.11
N LEU A 224 -18.78 20.36 -12.17
CA LEU A 224 -18.59 21.65 -12.89
C LEU A 224 -19.52 21.76 -14.10
N THR A 225 -20.19 22.91 -14.25
CA THR A 225 -20.87 23.31 -15.51
C THR A 225 -19.74 23.60 -16.51
N LYS A 226 -20.04 23.68 -17.81
CA LYS A 226 -19.00 23.99 -18.83
C LYS A 226 -18.47 25.39 -18.56
N ALA A 227 -19.30 26.32 -18.09
CA ALA A 227 -18.85 27.68 -17.72
C ALA A 227 -17.82 27.57 -16.59
N GLU A 228 -18.14 26.79 -15.55
CA GLU A 228 -17.23 26.66 -14.38
C GLU A 228 -15.94 25.97 -14.84
N LEU A 229 -16.04 25.00 -15.76
CA LEU A 229 -14.87 24.23 -16.23
C LEU A 229 -13.94 25.17 -17.01
N LYS A 230 -14.50 25.93 -17.94
CA LYS A 230 -13.72 26.90 -18.75
C LYS A 230 -12.95 27.84 -17.82
N GLU A 231 -13.58 28.43 -16.79
CA GLU A 231 -12.89 29.31 -15.82
C GLU A 231 -11.77 28.54 -15.10
N LYS A 232 -12.11 27.37 -14.52
CA LYS A 232 -11.14 26.51 -13.78
C LYS A 232 -9.92 26.19 -14.66
N ILE A 233 -10.12 25.87 -15.94
CA ILE A 233 -9.01 25.49 -16.86
C ILE A 233 -8.08 26.70 -16.99
N GLU A 234 -8.64 27.91 -17.12
CA GLU A 234 -7.84 29.16 -17.24
C GLU A 234 -7.09 29.43 -15.93
N THR A 235 -7.79 29.38 -14.79
CA THR A 235 -7.20 29.54 -13.45
C THR A 235 -5.93 28.67 -13.34
N GLU A 236 -6.05 27.38 -13.70
CA GLU A 236 -4.97 26.38 -13.47
C GLU A 236 -3.88 26.58 -14.51
N ARG A 237 -4.25 26.90 -15.76
CA ARG A 237 -3.28 27.19 -16.85
C ARG A 237 -2.32 28.31 -16.41
N ALA A 238 -2.82 29.41 -15.84
CA ALA A 238 -1.98 30.53 -15.35
C ALA A 238 -0.96 30.00 -14.33
N LYS A 239 -1.34 28.99 -13.52
CA LYS A 239 -0.48 28.41 -12.45
C LYS A 239 0.43 27.33 -13.04
N GLY A 240 0.29 27.02 -14.32
CA GLY A 240 1.11 26.02 -15.03
C GLY A 240 0.65 24.59 -14.76
N LEU A 241 -0.64 24.40 -14.48
CA LEU A 241 -1.27 23.04 -14.40
C LEU A 241 -2.20 22.86 -15.60
N TYR A 242 -2.06 21.71 -16.26
CA TYR A 242 -2.78 21.37 -17.51
C TYR A 242 -3.63 20.11 -17.25
N PRO A 243 -4.77 19.98 -17.97
CA PRO A 243 -5.63 18.81 -17.82
C PRO A 243 -4.93 17.47 -18.15
N ILE A 244 -5.04 16.50 -17.25
CA ILE A 244 -4.58 15.09 -17.49
C ILE A 244 -5.79 14.16 -17.54
N ASP A 245 -6.91 14.58 -16.95
CA ASP A 245 -8.21 13.87 -17.11
C ASP A 245 -9.33 14.89 -17.25
N ILE A 246 -10.32 14.57 -18.08
CA ILE A 246 -11.59 15.33 -18.18
C ILE A 246 -12.72 14.33 -18.48
N GLN A 247 -13.82 14.40 -17.74
CA GLN A 247 -14.95 13.46 -17.94
C GLN A 247 -16.24 14.26 -17.84
N GLY A 248 -17.11 14.09 -18.84
CA GLY A 248 -18.48 14.65 -18.88
C GLY A 248 -19.50 13.63 -18.43
N GLY A 249 -20.61 14.10 -17.90
CA GLY A 249 -21.77 13.29 -17.51
C GLY A 249 -23.00 14.15 -17.63
N GLY A 250 -24.07 13.58 -18.19
CA GLY A 250 -25.40 14.19 -18.27
C GLY A 250 -25.64 14.82 -19.61
N SER A 251 -26.91 15.11 -19.94
CA SER A 251 -27.27 15.80 -21.20
C SER A 251 -27.96 17.11 -20.88
N GLY A 252 -27.96 18.00 -21.87
CA GLY A 252 -28.67 19.27 -21.83
C GLY A 252 -28.24 20.07 -20.62
N SER A 253 -29.20 20.52 -19.82
CA SER A 253 -28.96 21.49 -18.73
CA SER A 253 -28.96 21.49 -18.73
C SER A 253 -28.12 20.83 -17.61
N SER A 254 -28.20 19.51 -17.48
CA SER A 254 -27.57 18.75 -16.36
C SER A 254 -26.16 18.28 -16.74
N GLU A 255 -25.63 18.74 -17.86
CA GLU A 255 -24.24 18.43 -18.28
C GLU A 255 -23.26 18.91 -17.20
N ARG A 256 -22.46 18.01 -16.63
CA ARG A 256 -21.40 18.37 -15.67
C ARG A 256 -20.08 17.66 -16.00
N PHE A 257 -19.00 18.12 -15.37
CA PHE A 257 -17.60 17.75 -15.69
C PHE A 257 -16.82 17.51 -14.40
N THR A 258 -15.94 16.49 -14.46
CA THR A 258 -14.78 16.32 -13.56
C THR A 258 -13.55 16.71 -14.37
N VAL A 259 -12.50 17.15 -13.69
CA VAL A 259 -11.23 17.48 -14.34
C VAL A 259 -10.11 17.24 -13.31
N VAL A 260 -8.99 16.64 -13.74
CA VAL A 260 -7.74 16.62 -12.92
C VAL A 260 -6.65 17.38 -13.68
N PHE A 261 -5.90 18.23 -12.97
CA PHE A 261 -4.78 19.04 -13.53
C PHE A 261 -3.46 18.55 -12.94
N ALA A 262 -2.37 18.65 -13.72
CA ALA A 262 -0.99 18.37 -13.27
C ALA A 262 0.02 19.25 -14.03
N GLU A 263 1.17 19.49 -13.40
CA GLU A 263 2.29 20.22 -14.05
C GLU A 263 2.80 19.40 -15.22
N ARG A 264 2.78 18.08 -15.12
CA ARG A 264 3.37 17.17 -16.13
C ARG A 264 2.27 16.46 -16.92
N THR A 265 2.62 15.92 -18.09
CA THR A 265 1.67 15.17 -18.96
C THR A 265 1.73 13.69 -18.62
N SER A 266 2.82 13.24 -17.99
CA SER A 266 3.12 11.82 -17.69
C SER A 266 3.86 11.71 -16.36
N PRO A 267 3.81 10.55 -15.68
CA PRO A 267 4.49 10.34 -14.42
C PRO A 267 6.02 10.58 -14.49
N LYS A 268 6.62 11.16 -13.47
CA LYS A 268 8.11 11.24 -13.40
C LYS A 268 8.66 9.81 -13.46
N PRO A 269 9.88 9.61 -14.04
CA PRO A 269 10.54 8.30 -13.99
C PRO A 269 11.14 8.11 -12.58
N ARG A 270 11.28 6.87 -12.17
CA ARG A 270 12.07 6.53 -10.97
C ARG A 270 13.56 6.67 -11.32
N GLN A 271 14.39 6.99 -10.33
CA GLN A 271 15.87 6.99 -10.48
C GLN A 271 16.46 6.06 -9.42
N TRP A 272 17.53 5.37 -9.78
CA TRP A 272 18.22 4.35 -8.95
C TRP A 272 19.31 5.03 -8.12
N ASN A 273 19.32 4.80 -6.81
CA ASN A 273 20.30 5.38 -5.86
C ASN A 273 20.72 4.28 -4.88
N VAL A 274 22.02 4.23 -4.57
CA VAL A 274 22.55 3.28 -3.55
CA VAL A 274 22.59 3.26 -3.58
C VAL A 274 23.46 4.08 -2.61
N ARG A 275 23.35 3.75 -1.32
CA ARG A 275 24.15 4.39 -0.24
C ARG A 275 24.70 3.28 0.66
N GLY A 276 25.66 3.62 1.51
CA GLY A 276 26.32 2.63 2.39
C GLY A 276 27.48 1.95 1.71
N GLU A 277 28.26 1.20 2.49
CA GLU A 277 29.47 0.49 2.03
C GLU A 277 29.42 -0.94 2.57
N ILE A 278 29.94 -1.88 1.78
CA ILE A 278 30.46 -3.19 2.25
C ILE A 278 31.95 -3.01 2.60
N THR A 279 32.33 -3.33 3.83
CA THR A 279 33.67 -3.06 4.39
C THR A 279 34.37 -4.35 4.87
N GLY A 280 33.65 -5.33 5.40
CA GLY A 280 34.25 -6.52 6.05
C GLY A 280 34.16 -7.77 5.21
N PHE A 281 34.11 -7.65 3.87
CA PHE A 281 34.05 -8.78 2.90
C PHE A 281 35.42 -8.98 2.22
N GLU A 282 35.64 -10.18 1.70
CA GLU A 282 36.88 -10.60 0.99
CA GLU A 282 36.92 -10.54 1.04
C GLU A 282 37.08 -9.67 -0.21
N ASP A 283 36.02 -9.51 -1.01
CA ASP A 283 36.01 -8.61 -2.20
C ASP A 283 34.83 -7.63 -2.07
N ASN A 284 35.04 -6.55 -1.32
CA ASN A 284 34.02 -5.54 -0.98
C ASN A 284 33.32 -5.05 -2.26
N LYS A 285 34.06 -4.69 -3.31
CA LYS A 285 33.49 -4.02 -4.52
C LYS A 285 32.70 -5.03 -5.37
N ALA A 286 33.13 -6.29 -5.43
CA ALA A 286 32.41 -7.36 -6.16
C ALA A 286 31.18 -7.80 -5.36
N ALA A 287 31.23 -7.71 -4.02
CA ALA A 287 30.07 -7.97 -3.12
C ALA A 287 28.98 -6.91 -3.36
N GLU A 288 29.37 -5.63 -3.42
CA GLU A 288 28.46 -4.49 -3.75
C GLU A 288 27.81 -4.70 -5.11
N GLU A 289 28.58 -5.05 -6.15
CA GLU A 289 28.04 -5.21 -7.52
C GLU A 289 26.97 -6.32 -7.55
N GLU A 290 27.23 -7.45 -6.89
CA GLU A 290 26.30 -8.62 -6.91
C GLU A 290 25.04 -8.29 -6.10
N VAL A 291 25.17 -7.83 -4.85
CA VAL A 291 23.97 -7.64 -3.99
C VAL A 291 23.16 -6.46 -4.56
N ASP A 292 23.81 -5.40 -5.02
CA ASP A 292 23.11 -4.30 -5.74
C ASP A 292 22.30 -4.89 -6.89
N SER A 293 22.88 -5.78 -7.70
CA SER A 293 22.20 -6.37 -8.89
C SER A 293 20.97 -7.16 -8.43
N ILE A 294 21.07 -7.88 -7.31
CA ILE A 294 19.95 -8.69 -6.75
C ILE A 294 18.81 -7.74 -6.35
N MET A 295 19.14 -6.73 -5.55
CA MET A 295 18.15 -5.82 -4.95
C MET A 295 17.50 -5.00 -6.05
N ARG A 296 18.30 -4.51 -7.01
CA ARG A 296 17.80 -3.71 -8.15
C ARG A 296 16.75 -4.52 -8.93
N ARG A 297 17.07 -5.75 -9.35
CA ARG A 297 16.11 -6.64 -10.06
C ARG A 297 14.84 -6.76 -9.23
N PHE A 298 14.94 -7.02 -7.93
CA PHE A 298 13.75 -7.24 -7.05
C PHE A 298 12.90 -5.97 -6.98
N MET A 299 13.53 -4.80 -6.82
CA MET A 299 12.85 -3.52 -6.53
C MET A 299 12.17 -3.04 -7.82
N GLU A 300 12.82 -3.27 -8.96
CA GLU A 300 12.31 -2.90 -10.31
C GLU A 300 11.09 -3.78 -10.59
N LYS A 301 11.23 -5.09 -10.42
CA LYS A 301 10.12 -6.03 -10.70
C LYS A 301 8.95 -5.72 -9.76
N ASN A 302 9.22 -5.53 -8.47
CA ASN A 302 8.15 -5.43 -7.45
C ASN A 302 7.74 -3.97 -7.21
N GLY A 303 8.38 -2.99 -7.86
CA GLY A 303 8.05 -1.55 -7.72
C GLY A 303 8.33 -1.03 -6.32
N VAL A 304 9.29 -1.62 -5.61
CA VAL A 304 9.65 -1.21 -4.23
C VAL A 304 10.57 0.02 -4.32
N ARG A 305 10.30 1.04 -3.51
CA ARG A 305 10.91 2.38 -3.63
C ARG A 305 12.09 2.52 -2.66
N GLN A 306 12.02 1.89 -1.49
CA GLN A 306 13.02 2.11 -0.41
C GLN A 306 13.32 0.79 0.27
N ALA A 307 14.59 0.50 0.46
CA ALA A 307 15.00 -0.79 1.07
C ALA A 307 16.41 -0.69 1.65
N GLN A 308 16.73 -1.59 2.57
CA GLN A 308 18.05 -1.70 3.25
C GLN A 308 18.46 -3.16 3.33
N PHE A 309 19.75 -3.40 3.10
CA PHE A 309 20.41 -4.68 3.40
C PHE A 309 21.63 -4.39 4.28
N ALA A 310 21.85 -5.25 5.26
CA ALA A 310 22.95 -5.06 6.24
C ALA A 310 23.45 -6.42 6.70
N VAL A 311 24.77 -6.53 6.84
CA VAL A 311 25.43 -7.73 7.43
C VAL A 311 26.23 -7.20 8.62
N ALA A 312 26.18 -7.91 9.74
CA ALA A 312 26.99 -7.63 10.95
C ALA A 312 27.71 -8.91 11.39
N LEU A 313 28.86 -8.71 12.03
CA LEU A 313 29.71 -9.78 12.62
C LEU A 313 29.94 -9.38 14.07
N GLU A 314 29.38 -10.14 15.00
CA GLU A 314 29.60 -9.97 16.47
C GLU A 314 29.19 -8.55 16.89
N GLY A 315 28.06 -8.06 16.38
CA GLY A 315 27.48 -6.76 16.75
C GLY A 315 28.16 -5.60 16.03
N LYS A 316 28.92 -5.84 14.98
CA LYS A 316 29.63 -4.79 14.18
C LYS A 316 29.28 -4.95 12.70
N THR A 317 28.77 -3.87 12.13
CA THR A 317 28.40 -3.74 10.70
C THR A 317 29.62 -4.04 9.84
N ILE A 318 29.52 -5.02 8.92
CA ILE A 318 30.53 -5.32 7.86
C ILE A 318 29.96 -5.01 6.48
N ALA A 319 28.64 -4.79 6.38
CA ALA A 319 27.96 -4.40 5.12
C ALA A 319 26.70 -3.61 5.39
N GLU A 320 26.51 -2.53 4.64
CA GLU A 320 25.28 -1.71 4.58
C GLU A 320 25.07 -1.27 3.13
N ARG A 321 23.96 -1.64 2.52
CA ARG A 321 23.58 -1.05 1.21
C ARG A 321 22.15 -0.60 1.35
N SER A 322 21.91 0.70 1.22
CA SER A 322 20.56 1.31 1.26
C SER A 322 20.13 1.63 -0.18
N TYR A 323 18.87 1.38 -0.54
CA TYR A 323 18.45 1.40 -1.95
C TYR A 323 17.21 2.27 -2.09
N THR A 324 17.23 3.09 -3.13
CA THR A 324 16.09 3.92 -3.58
C THR A 324 15.85 3.64 -5.05
N TRP A 325 14.62 3.29 -5.39
CA TRP A 325 14.13 3.12 -6.78
C TRP A 325 12.83 3.91 -6.84
N ALA A 326 12.98 5.22 -7.03
CA ALA A 326 11.96 6.22 -6.66
C ALA A 326 12.12 7.49 -7.48
N GLU A 327 10.97 8.16 -7.68
CA GLU A 327 10.86 9.52 -8.24
C GLU A 327 11.70 10.47 -7.39
N ASP A 328 11.97 11.68 -7.88
CA ASP A 328 12.89 12.64 -7.20
C ASP A 328 12.17 13.32 -6.04
N ASP A 329 10.90 12.99 -5.75
CA ASP A 329 10.21 13.56 -4.56
C ASP A 329 10.26 12.60 -3.37
N ARG A 330 10.94 11.46 -3.49
CA ARG A 330 11.20 10.56 -2.35
C ARG A 330 12.65 10.74 -1.90
N ALA A 331 12.85 10.90 -0.60
CA ALA A 331 14.19 10.95 0.03
C ALA A 331 14.99 9.72 -0.38
N ILE A 332 16.30 9.88 -0.56
CA ILE A 332 17.24 8.77 -0.90
C ILE A 332 17.69 8.09 0.39
N VAL A 333 17.36 6.81 0.50
CA VAL A 333 17.56 6.00 1.73
C VAL A 333 19.05 5.99 2.06
N GLU A 334 19.36 6.19 3.34
CA GLU A 334 20.72 6.08 3.93
C GLU A 334 20.72 4.92 4.90
N PRO A 335 21.90 4.32 5.21
CA PRO A 335 21.96 3.23 6.17
C PRO A 335 21.37 3.50 7.57
N ASP A 336 21.33 4.74 8.05
CA ASP A 336 20.83 5.10 9.42
C ASP A 336 19.35 5.51 9.39
N ASP A 337 18.69 5.47 8.23
CA ASP A 337 17.22 5.65 8.19
C ASP A 337 16.58 4.45 8.89
N ILE A 338 15.42 4.69 9.52
CA ILE A 338 14.62 3.66 10.26
C ILE A 338 13.39 3.27 9.45
N PHE A 339 13.08 1.97 9.49
CA PHE A 339 11.93 1.31 8.82
C PHE A 339 11.04 0.71 9.90
N LEU A 340 9.73 0.82 9.71
CA LEU A 340 8.74 0.13 10.56
C LEU A 340 9.09 -1.37 10.49
N LEU A 341 9.32 -1.97 11.65
CA LEU A 341 9.88 -3.35 11.79
C LEU A 341 8.77 -4.40 11.78
N ALA A 342 7.52 -4.01 12.05
CA ALA A 342 6.43 -5.01 12.21
C ALA A 342 6.92 -6.04 13.25
N SER A 343 6.65 -7.31 13.03
CA SER A 343 6.80 -8.37 14.07
C SER A 343 8.29 -8.64 14.39
N VAL A 344 9.22 -8.05 13.65
CA VAL A 344 10.65 -8.07 14.06
C VAL A 344 10.76 -7.39 15.44
N SER A 345 9.88 -6.43 15.74
CA SER A 345 9.78 -5.75 17.05
C SER A 345 9.81 -6.77 18.20
N LYS A 346 9.25 -7.96 18.00
CA LYS A 346 9.08 -8.98 19.06
C LYS A 346 10.44 -9.40 19.65
N MET A 347 11.54 -9.37 18.89
CA MET A 347 12.80 -9.89 19.46
C MET A 347 13.25 -8.96 20.59
N PHE A 348 12.85 -7.68 20.56
CA PHE A 348 13.13 -6.71 21.65
C PHE A 348 12.31 -7.11 22.88
N LEU A 349 11.07 -7.58 22.68
CA LEU A 349 10.26 -8.04 23.83
C LEU A 349 10.92 -9.30 24.44
N HIS A 350 11.25 -10.31 23.65
CA HIS A 350 11.95 -11.54 24.13
C HIS A 350 13.19 -11.14 24.94
N ALA A 351 13.96 -10.13 24.49
CA ALA A 351 15.22 -9.72 25.15
C ALA A 351 14.88 -9.10 26.50
N SER A 352 13.79 -8.32 26.57
CA SER A 352 13.27 -7.67 27.80
C SER A 352 12.89 -8.72 28.85
N ILE A 353 12.27 -9.82 28.43
CA ILE A 353 11.77 -10.89 29.34
C ILE A 353 12.98 -11.70 29.83
N ASP A 354 13.94 -11.95 28.91
CA ASP A 354 15.24 -12.58 29.23
C ASP A 354 15.94 -11.76 30.32
N TRP A 355 15.98 -10.44 30.17
CA TRP A 355 16.62 -9.53 31.13
C TRP A 355 15.96 -9.73 32.51
N LEU A 356 14.63 -9.69 32.55
CA LEU A 356 13.85 -9.79 33.82
C LEU A 356 14.10 -11.14 34.50
N VAL A 357 14.09 -12.24 33.76
CA VAL A 357 14.27 -13.61 34.32
C VAL A 357 15.70 -13.76 34.88
N SER A 358 16.72 -13.38 34.12
CA SER A 358 18.14 -13.53 34.53
C SER A 358 18.54 -12.50 35.59
N HIS A 359 17.69 -11.51 35.90
CA HIS A 359 17.87 -10.56 37.04
C HIS A 359 16.89 -10.91 38.17
N ASP A 360 16.28 -12.11 38.14
CA ASP A 360 15.42 -12.70 39.22
C ASP A 360 14.19 -11.83 39.50
N MET A 361 13.62 -11.18 38.49
CA MET A 361 12.41 -10.35 38.67
C MET A 361 11.18 -11.03 38.06
N LEU A 362 11.35 -12.25 37.55
CA LEU A 362 10.31 -12.99 36.78
C LEU A 362 10.84 -14.38 36.52
N ASN A 363 9.95 -15.36 36.39
CA ASN A 363 10.32 -16.74 35.98
C ASN A 363 9.56 -17.12 34.72
N PHE A 364 10.14 -18.01 33.91
CA PHE A 364 9.47 -18.56 32.71
C PHE A 364 8.18 -19.23 33.18
N SER A 365 8.15 -19.68 34.45
CA SER A 365 7.05 -20.47 35.06
C SER A 365 6.00 -19.56 35.74
N THR A 366 6.21 -18.24 35.83
CA THR A 366 5.29 -17.29 36.53
C THR A 366 3.90 -17.26 35.87
N PRO A 367 2.82 -17.60 36.63
CA PRO A 367 1.45 -17.42 36.14
C PRO A 367 1.09 -15.94 35.98
N VAL A 368 0.70 -15.58 34.76
CA VAL A 368 0.71 -14.15 34.30
C VAL A 368 -0.53 -13.44 34.83
N TYR A 369 -1.73 -13.93 34.54
CA TYR A 369 -3.00 -13.24 34.94
C TYR A 369 -3.12 -13.16 36.47
N ASP A 370 -2.60 -14.14 37.23
CA ASP A 370 -2.59 -14.05 38.72
C ASP A 370 -1.64 -12.92 39.15
N LEU A 371 -0.51 -12.76 38.46
CA LEU A 371 0.46 -11.66 38.71
C LEU A 371 -0.23 -10.31 38.47
N LEU A 372 -1.09 -10.22 37.46
CA LEU A 372 -1.75 -8.94 37.09
C LEU A 372 -3.03 -8.74 37.92
N GLY A 373 -3.59 -9.80 38.50
CA GLY A 373 -4.75 -9.73 39.42
C GLY A 373 -6.07 -9.97 38.69
N TYR A 374 -6.04 -10.65 37.56
CA TYR A 374 -7.21 -10.79 36.66
C TYR A 374 -7.85 -12.16 36.91
N LYS A 375 -9.17 -12.27 36.79
CA LYS A 375 -9.93 -13.54 36.92
C LYS A 375 -10.52 -13.90 35.56
N PRO A 376 -9.82 -14.73 34.76
CA PRO A 376 -10.30 -15.07 33.44
C PRO A 376 -11.69 -15.74 33.43
N ALA A 377 -12.48 -15.49 32.39
CA ALA A 377 -13.70 -16.22 31.96
C ALA A 377 -13.37 -17.70 31.71
N ASP A 378 -12.12 -17.98 31.34
CA ASP A 378 -11.64 -19.34 31.06
C ASP A 378 -10.69 -19.75 32.19
N SER A 379 -11.06 -20.78 32.97
CA SER A 379 -10.26 -21.33 34.09
C SER A 379 -8.87 -21.73 33.58
N ARG A 380 -8.76 -22.16 32.33
CA ARG A 380 -7.48 -22.60 31.73
C ARG A 380 -6.51 -21.42 31.61
N ALA A 381 -7.01 -20.18 31.55
CA ALA A 381 -6.15 -18.98 31.40
C ALA A 381 -5.32 -18.77 32.68
N ASN A 382 -5.74 -19.32 33.82
CA ASN A 382 -4.98 -19.24 35.10
C ASN A 382 -3.66 -20.03 34.99
N ASP A 383 -3.55 -20.95 34.05
CA ASP A 383 -2.34 -21.80 33.85
C ASP A 383 -1.35 -21.15 32.88
N ILE A 384 -1.74 -20.08 32.17
CA ILE A 384 -0.87 -19.33 31.22
C ILE A 384 0.31 -18.74 31.99
N ASN A 385 1.53 -19.09 31.58
CA ASN A 385 2.78 -18.60 32.20
C ASN A 385 3.59 -17.84 31.16
N VAL A 386 4.69 -17.24 31.60
CA VAL A 386 5.55 -16.35 30.78
C VAL A 386 6.00 -17.14 29.54
N GLN A 387 6.32 -18.42 29.72
CA GLN A 387 6.86 -19.29 28.64
C GLN A 387 5.78 -19.53 27.58
N HIS A 388 4.53 -19.71 28.00
CA HIS A 388 3.37 -19.91 27.09
C HIS A 388 3.26 -18.69 26.17
N LEU A 389 3.42 -17.49 26.73
CA LEU A 389 3.30 -16.21 25.97
C LEU A 389 4.53 -16.04 25.07
N LEU A 390 5.75 -16.42 25.50
CA LEU A 390 6.94 -16.37 24.62
C LEU A 390 6.77 -17.32 23.44
N ASP A 391 6.22 -18.51 23.67
CA ASP A 391 6.06 -19.61 22.68
C ASP A 391 4.80 -19.41 21.82
N HIS A 392 3.89 -18.54 22.21
CA HIS A 392 2.55 -18.39 21.59
C HIS A 392 1.72 -19.66 21.80
N SER A 393 1.96 -20.39 22.90
CA SER A 393 1.25 -21.65 23.25
C SER A 393 0.17 -21.40 24.31
N ALA A 394 -0.15 -20.12 24.59
CA ALA A 394 -0.95 -19.65 25.74
C ALA A 394 -2.44 -19.97 25.55
N GLY A 395 -2.87 -20.30 24.33
CA GLY A 395 -4.28 -20.63 24.03
C GLY A 395 -4.97 -19.61 23.12
N TYR A 396 -4.23 -18.65 22.56
CA TYR A 396 -4.81 -17.60 21.67
C TYR A 396 -4.59 -17.99 20.21
N ASP A 397 -5.67 -18.32 19.47
CA ASP A 397 -5.63 -18.69 18.03
C ASP A 397 -6.47 -17.69 17.24
N ARG A 398 -5.82 -16.79 16.51
CA ARG A 398 -6.48 -15.66 15.82
C ARG A 398 -7.27 -16.16 14.59
N SER A 399 -6.98 -17.36 14.10
CA SER A 399 -7.73 -18.00 12.97
C SER A 399 -9.14 -18.36 13.42
N MET A 400 -9.33 -18.50 14.74
CA MET A 400 -10.58 -18.99 15.38
C MET A 400 -11.34 -17.81 15.98
N SER A 401 -10.64 -16.89 16.67
CA SER A 401 -11.22 -15.81 17.53
C SER A 401 -10.78 -14.40 17.09
N GLY A 402 -10.04 -14.26 15.98
CA GLY A 402 -9.58 -12.92 15.54
C GLY A 402 -8.39 -12.43 16.37
N ASP A 403 -7.79 -11.32 15.94
CA ASP A 403 -6.48 -10.83 16.44
C ASP A 403 -6.72 -9.55 17.21
N PRO A 404 -6.58 -9.60 18.55
CA PRO A 404 -6.81 -8.44 19.41
C PRO A 404 -6.01 -7.20 18.98
N SER A 405 -4.79 -7.40 18.46
CA SER A 405 -3.83 -6.32 18.10
C SER A 405 -4.44 -5.41 17.03
N PHE A 406 -5.43 -5.88 16.28
CA PHE A 406 -6.07 -5.14 15.16
C PHE A 406 -7.56 -4.88 15.47
N MET A 407 -7.97 -4.99 16.73
CA MET A 407 -9.39 -4.87 17.14
C MET A 407 -9.57 -3.66 18.07
N PHE A 408 -8.64 -2.69 18.08
CA PHE A 408 -8.68 -1.53 19.02
C PHE A 408 -10.00 -0.76 18.91
N ARG A 409 -10.53 -0.58 17.70
CA ARG A 409 -11.78 0.19 17.48
C ARG A 409 -12.95 -0.56 18.17
N GLU A 410 -13.22 -1.80 17.77
CA GLU A 410 -14.32 -2.64 18.31
C GLU A 410 -14.14 -2.74 19.84
N ILE A 411 -12.90 -2.84 20.32
CA ILE A 411 -12.61 -2.93 21.78
C ILE A 411 -13.00 -1.61 22.46
N ALA A 412 -12.56 -0.45 21.93
CA ALA A 412 -12.89 0.88 22.48
C ALA A 412 -14.42 1.04 22.57
N GLN A 413 -15.15 0.57 21.55
CA GLN A 413 -16.62 0.74 21.46
C GLN A 413 -17.32 -0.12 22.51
N SER A 414 -16.69 -1.18 23.03
CA SER A 414 -17.28 -2.11 24.03
C SER A 414 -17.10 -1.52 25.43
N LEU A 415 -16.25 -0.51 25.59
CA LEU A 415 -15.95 0.08 26.92
C LEU A 415 -17.18 0.80 27.43
N PRO A 416 -17.22 1.15 28.74
CA PRO A 416 -18.25 2.03 29.30
C PRO A 416 -18.31 3.41 28.62
N THR A 417 -17.16 3.97 28.19
CA THR A 417 -17.01 5.29 27.51
C THR A 417 -17.55 5.20 26.06
N LYS A 418 -17.91 4.00 25.61
CA LYS A 418 -18.63 3.71 24.34
C LYS A 418 -17.98 4.46 23.18
N GLY A 419 -16.66 4.30 23.04
CA GLY A 419 -15.89 4.72 21.85
C GLY A 419 -15.50 6.17 21.90
N ALA A 420 -15.75 6.88 23.00
CA ALA A 420 -15.31 8.29 23.18
C ALA A 420 -13.79 8.35 23.32
N LYS A 421 -13.17 7.33 23.95
CA LYS A 421 -11.72 7.25 24.25
C LYS A 421 -11.13 6.04 23.52
N ALA A 422 -9.91 6.18 22.99
CA ALA A 422 -9.17 5.07 22.35
C ALA A 422 -8.91 4.01 23.41
N ALA A 423 -8.88 2.74 23.01
CA ALA A 423 -8.45 1.63 23.91
C ALA A 423 -6.93 1.66 24.16
N THR A 424 -6.54 1.37 25.39
CA THR A 424 -5.13 1.18 25.83
C THR A 424 -4.75 -0.31 25.76
N LEU A 425 -3.46 -0.62 25.91
CA LEU A 425 -2.93 -2.00 26.10
C LEU A 425 -3.73 -2.69 27.20
N ARG A 426 -3.96 -2.01 28.33
CA ARG A 426 -4.71 -2.56 29.49
C ARG A 426 -6.15 -2.90 29.06
N ASP A 427 -6.79 -2.02 28.27
CA ASP A 427 -8.16 -2.26 27.76
C ASP A 427 -8.18 -3.53 26.90
N VAL A 428 -7.18 -3.75 26.05
CA VAL A 428 -7.11 -4.97 25.18
C VAL A 428 -6.97 -6.22 26.06
N ILE A 429 -6.06 -6.19 27.03
CA ILE A 429 -5.83 -7.33 27.96
C ILE A 429 -7.15 -7.65 28.69
N GLU A 430 -7.81 -6.64 29.25
CA GLU A 430 -9.05 -6.85 30.04
C GLU A 430 -10.13 -7.45 29.13
N TYR A 431 -10.26 -6.95 27.91
CA TYR A 431 -11.15 -7.51 26.87
C TYR A 431 -10.82 -8.98 26.62
N VAL A 432 -9.53 -9.32 26.47
CA VAL A 432 -9.12 -10.72 26.11
C VAL A 432 -9.28 -11.68 27.30
N VAL A 433 -8.99 -11.23 28.52
CA VAL A 433 -9.06 -12.10 29.72
C VAL A 433 -10.52 -12.44 30.06
N ALA A 434 -11.49 -11.70 29.50
CA ALA A 434 -12.95 -11.91 29.71
C ALA A 434 -13.54 -12.75 28.58
N LYS A 435 -12.72 -13.19 27.61
CA LYS A 435 -13.16 -14.08 26.52
C LYS A 435 -12.47 -15.44 26.73
N PRO A 436 -13.08 -16.54 26.23
CA PRO A 436 -12.49 -17.86 26.40
C PRO A 436 -11.21 -17.96 25.59
N LEU A 437 -10.33 -18.89 25.98
CA LEU A 437 -9.19 -19.37 25.16
C LEU A 437 -9.77 -20.17 23.99
N ASP A 438 -8.99 -20.28 22.91
CA ASP A 438 -9.32 -21.11 21.72
C ASP A 438 -8.77 -22.53 21.93
N PHE A 439 -7.84 -22.72 22.86
CA PHE A 439 -7.21 -24.05 23.11
C PHE A 439 -6.54 -24.04 24.48
N THR A 440 -6.21 -25.23 24.98
CA THR A 440 -5.56 -25.45 26.29
C THR A 440 -4.11 -24.98 26.21
N PRO A 441 -3.63 -24.16 27.15
CA PRO A 441 -2.23 -23.74 27.18
C PRO A 441 -1.25 -24.90 26.96
N GLY A 442 -0.28 -24.74 26.07
CA GLY A 442 0.81 -25.72 25.85
C GLY A 442 0.45 -26.83 24.87
N ASP A 443 -0.78 -26.93 24.37
CA ASP A 443 -1.19 -28.01 23.42
C ASP A 443 -0.51 -27.79 22.06
N TYR A 444 -0.41 -26.54 21.62
CA TYR A 444 0.30 -26.17 20.38
C TYR A 444 0.60 -24.67 20.42
N SER A 445 1.39 -24.20 19.46
CA SER A 445 1.75 -22.79 19.29
C SER A 445 0.90 -22.23 18.14
N ALA A 446 0.28 -21.08 18.35
CA ALA A 446 -0.39 -20.33 17.25
C ALA A 446 0.20 -18.92 17.26
N TYR A 447 0.92 -18.55 16.21
CA TYR A 447 1.56 -17.21 16.11
C TYR A 447 0.53 -16.16 16.51
N SER A 448 0.91 -15.29 17.45
CA SER A 448 0.05 -14.34 18.21
C SER A 448 0.77 -12.99 18.32
N ASN A 449 0.12 -11.90 17.89
CA ASN A 449 0.55 -10.53 18.20
C ASN A 449 0.19 -10.23 19.66
N TYR A 450 -0.87 -10.85 20.21
CA TYR A 450 -1.41 -10.50 21.55
C TYR A 450 -0.45 -10.96 22.66
N CYS A 451 0.17 -12.13 22.50
CA CYS A 451 1.05 -12.75 23.53
C CYS A 451 2.18 -11.79 23.95
N PRO A 452 3.00 -11.25 23.02
CA PRO A 452 3.99 -10.24 23.40
C PRO A 452 3.43 -8.85 23.80
N MET A 453 2.20 -8.51 23.40
CA MET A 453 1.51 -7.31 23.97
C MET A 453 1.37 -7.51 25.48
N LEU A 454 0.83 -8.65 25.92
CA LEU A 454 0.56 -8.97 27.35
C LEU A 454 1.89 -9.01 28.10
N LEU A 455 2.92 -9.66 27.55
CA LEU A 455 4.29 -9.59 28.14
C LEU A 455 4.84 -8.16 28.18
N SER A 456 4.52 -7.26 27.22
CA SER A 456 5.02 -5.86 27.30
C SER A 456 4.37 -5.19 28.53
N TYR A 457 3.10 -5.49 28.83
CA TYR A 457 2.37 -4.95 29.99
C TYR A 457 3.01 -5.48 31.29
N VAL A 458 3.35 -6.77 31.30
CA VAL A 458 4.03 -7.44 32.44
C VAL A 458 5.38 -6.74 32.69
N VAL A 459 6.11 -6.36 31.65
CA VAL A 459 7.41 -5.64 31.82
C VAL A 459 7.16 -4.35 32.61
N THR A 460 6.20 -3.54 32.17
CA THR A 460 5.81 -2.27 32.84
C THR A 460 5.35 -2.57 34.28
N ASN A 461 4.42 -3.51 34.44
CA ASN A 461 3.81 -3.93 35.73
C ASN A 461 4.86 -4.25 36.81
N ILE A 462 5.88 -5.03 36.45
CA ILE A 462 6.96 -5.54 37.37
C ILE A 462 7.97 -4.44 37.69
N THR A 463 8.37 -3.64 36.70
CA THR A 463 9.46 -2.63 36.80
C THR A 463 8.91 -1.25 37.14
N GLY A 464 7.64 -0.97 36.82
CA GLY A 464 7.00 0.34 37.01
C GLY A 464 7.51 1.37 36.02
N VAL A 465 8.19 0.89 34.99
CA VAL A 465 8.84 1.69 33.91
C VAL A 465 8.03 1.43 32.63
N PRO A 466 7.62 2.49 31.88
CA PRO A 466 7.10 2.27 30.54
C PRO A 466 8.04 1.41 29.67
N TYR A 467 7.45 0.52 28.88
CA TYR A 467 8.16 -0.50 28.09
C TYR A 467 9.27 0.17 27.27
N LEU A 468 8.96 1.28 26.62
CA LEU A 468 9.93 2.05 25.79
C LEU A 468 11.10 2.54 26.65
N ASP A 469 10.83 3.06 27.86
CA ASP A 469 11.87 3.50 28.83
C ASP A 469 12.75 2.28 29.17
N PHE A 470 12.10 1.15 29.46
CA PHE A 470 12.78 -0.11 29.87
C PHE A 470 13.74 -0.53 28.74
N LEU A 471 13.29 -0.42 27.48
CA LEU A 471 14.12 -0.81 26.31
C LEU A 471 15.37 0.08 26.23
N GLU A 472 15.23 1.40 26.30
CA GLU A 472 16.37 2.35 26.15
C GLU A 472 17.43 2.10 27.23
N LYS A 473 16.98 1.93 28.48
CA LYS A 473 17.85 1.86 29.69
C LYS A 473 18.63 0.53 29.72
N ASN A 474 17.96 -0.59 29.42
CA ASN A 474 18.45 -1.96 29.77
C ASN A 474 18.66 -2.84 28.53
N ILE A 475 18.14 -2.51 27.34
CA ILE A 475 18.12 -3.50 26.22
C ILE A 475 18.89 -2.99 24.99
N LEU A 476 18.61 -1.79 24.51
CA LEU A 476 19.02 -1.35 23.15
C LEU A 476 20.52 -1.02 23.11
N ASP A 477 21.13 -0.74 24.26
CA ASP A 477 22.56 -0.31 24.35
C ASP A 477 22.82 0.81 23.33
N GLY A 478 21.95 1.81 23.27
CA GLY A 478 22.15 3.01 22.44
C GLY A 478 21.77 2.81 20.97
N LEU A 479 21.22 1.65 20.57
CA LEU A 479 20.65 1.48 19.22
C LEU A 479 19.41 2.37 19.07
N ASN A 480 19.34 3.07 17.94
CA ASN A 480 18.22 3.94 17.54
C ASN A 480 17.07 3.04 17.08
N VAL A 481 16.31 2.53 18.05
CA VAL A 481 15.05 1.75 17.85
C VAL A 481 13.90 2.53 18.51
N ARG A 482 12.95 3.01 17.71
CA ARG A 482 11.95 4.05 18.11
C ARG A 482 10.52 3.54 17.88
N LEU A 483 9.56 4.00 18.68
CA LEU A 483 8.13 3.78 18.41
C LEU A 483 7.77 4.50 17.11
N TYR A 484 7.17 3.77 16.17
CA TYR A 484 6.50 4.31 14.97
C TYR A 484 5.09 4.73 15.40
N GLU A 485 4.87 6.02 15.53
CA GLU A 485 3.64 6.61 16.09
C GLU A 485 2.52 6.41 15.08
N THR A 486 1.27 6.29 15.54
CA THR A 486 0.12 5.94 14.68
C THR A 486 -0.20 7.09 13.70
N ALA A 487 -0.35 8.32 14.21
CA ALA A 487 -1.04 9.41 13.50
C ALA A 487 -0.34 9.69 12.16
N ALA A 488 -1.10 9.72 11.07
CA ALA A 488 -0.59 10.00 9.72
C ALA A 488 0.15 11.35 9.71
N SER A 489 -0.39 12.34 10.42
CA SER A 489 0.10 13.73 10.45
C SER A 489 1.53 13.80 11.03
N LYS A 490 1.96 12.80 11.81
CA LYS A 490 3.32 12.77 12.39
C LYS A 490 4.35 12.28 11.36
N HIS A 491 3.89 11.80 10.21
CA HIS A 491 4.75 11.09 9.23
C HIS A 491 4.76 11.76 7.86
N THR A 492 4.10 12.92 7.70
CA THR A 492 3.89 13.57 6.37
C THR A 492 5.22 14.02 5.73
N GLU A 493 6.30 14.20 6.50
CA GLU A 493 7.60 14.65 5.91
C GLU A 493 8.71 13.62 6.24
N ASP A 494 8.34 12.40 6.65
CA ASP A 494 9.30 11.31 6.91
C ASP A 494 10.09 11.01 5.65
N ARG A 495 11.38 10.70 5.79
CA ARG A 495 12.23 10.31 4.66
C ARG A 495 11.72 8.95 4.14
N ILE A 496 11.47 8.03 5.05
CA ILE A 496 11.05 6.65 4.71
C ILE A 496 9.52 6.66 4.62
N VAL A 497 9.00 6.31 3.44
CA VAL A 497 7.53 6.25 3.20
C VAL A 497 7.08 4.83 3.49
N GLN A 498 6.24 4.64 4.51
CA GLN A 498 5.61 3.32 4.77
C GLN A 498 4.40 3.23 3.84
N GLU A 499 4.51 2.47 2.74
CA GLU A 499 3.49 2.49 1.66
C GLU A 499 2.46 1.35 1.84
N SER A 500 1.17 1.67 1.70
CA SER A 500 0.05 0.73 1.52
C SER A 500 -1.03 1.42 0.68
N LYS A 501 -1.68 0.66 -0.20
CA LYS A 501 -2.92 1.04 -0.92
C LYS A 501 -4.08 1.17 0.06
N ASN A 502 -3.96 0.54 1.24
CA ASN A 502 -5.13 0.23 2.09
C ASN A 502 -5.43 1.36 3.07
N THR A 503 -6.72 1.52 3.35
CA THR A 503 -7.29 2.42 4.38
C THR A 503 -8.29 1.59 5.18
N GLY A 504 -8.56 1.97 6.43
CA GLY A 504 -9.59 1.36 7.27
C GLY A 504 -10.13 2.34 8.31
N GLN A 505 -11.07 1.84 9.10
CA GLN A 505 -11.72 2.59 10.21
C GLN A 505 -10.65 2.90 11.27
N ASP A 506 -10.85 4.02 11.96
CA ASP A 506 -9.84 4.69 12.79
C ASP A 506 -10.00 4.19 14.22
N PRO A 507 -8.98 3.50 14.77
CA PRO A 507 -9.04 3.03 16.15
C PRO A 507 -8.66 4.08 17.20
N VAL A 508 -8.01 5.17 16.80
CA VAL A 508 -7.63 6.28 17.72
C VAL A 508 -8.87 7.16 17.97
N HIS A 509 -9.80 7.24 17.01
CA HIS A 509 -11.04 8.07 17.05
C HIS A 509 -12.21 7.14 16.75
N PRO A 510 -12.59 6.29 17.72
CA PRO A 510 -13.50 5.18 17.45
C PRO A 510 -14.95 5.56 17.10
N GLN A 511 -15.31 6.85 17.21
CA GLN A 511 -16.66 7.38 16.86
C GLN A 511 -16.56 8.18 15.55
N SER A 512 -15.39 8.22 14.92
CA SER A 512 -15.16 8.88 13.62
C SER A 512 -15.39 7.87 12.50
N ALA A 513 -16.08 8.30 11.43
CA ALA A 513 -16.43 7.48 10.24
C ALA A 513 -15.30 7.53 9.20
N LYS A 514 -14.35 8.43 9.38
CA LYS A 514 -13.35 8.79 8.34
C LYS A 514 -12.23 7.75 8.31
N LEU A 515 -11.99 7.18 7.13
CA LEU A 515 -10.99 6.11 6.96
C LEU A 515 -9.59 6.75 7.07
N VAL A 516 -8.66 6.01 7.67
CA VAL A 516 -7.24 6.41 7.85
C VAL A 516 -6.38 5.41 7.10
N PRO A 517 -5.17 5.81 6.63
CA PRO A 517 -4.27 4.88 5.97
C PRO A 517 -3.96 3.69 6.90
N GLY A 518 -3.79 2.51 6.30
CA GLY A 518 -3.42 1.24 6.96
C GLY A 518 -2.26 1.36 7.95
N PRO A 519 -1.10 1.97 7.58
CA PRO A 519 0.02 2.08 8.51
C PRO A 519 -0.24 3.08 9.66
N HIS A 520 -1.32 3.84 9.57
CA HIS A 520 -1.66 4.92 10.53
C HIS A 520 -3.02 4.64 11.17
N GLY A 521 -3.21 3.41 11.66
CA GLY A 521 -4.44 2.95 12.32
C GLY A 521 -5.35 2.17 11.39
N GLY A 522 -5.26 2.43 10.09
CA GLY A 522 -6.13 1.75 9.11
C GLY A 522 -6.13 0.24 9.27
N ASP A 523 -5.02 -0.37 9.68
CA ASP A 523 -4.96 -1.85 9.83
C ASP A 523 -5.73 -2.30 11.09
N GLY A 524 -6.12 -1.34 11.95
CA GLY A 524 -6.91 -1.57 13.18
C GLY A 524 -6.05 -1.51 14.45
N ALA A 525 -4.74 -1.30 14.36
CA ALA A 525 -3.85 -1.22 15.54
C ALA A 525 -3.58 0.24 15.94
N VAL A 526 -3.62 0.50 17.24
CA VAL A 526 -3.05 1.73 17.84
C VAL A 526 -1.58 1.43 18.18
N LYS A 527 -0.65 1.99 17.42
CA LYS A 527 0.76 1.56 17.49
C LYS A 527 1.34 1.89 18.88
N GLU A 528 0.80 2.89 19.58
CA GLU A 528 1.31 3.31 20.92
C GLU A 528 1.14 2.16 21.92
N GLU A 529 0.20 1.25 21.70
CA GLU A 529 -0.08 0.15 22.65
C GLU A 529 0.56 -1.16 22.15
N CYS A 530 1.23 -1.11 20.99
CA CYS A 530 1.77 -2.31 20.29
C CYS A 530 3.30 -2.27 20.16
N ALA A 531 4.01 -1.54 21.02
CA ALA A 531 5.49 -1.44 20.96
C ALA A 531 6.14 -2.82 21.16
N GLY A 532 5.47 -3.68 21.94
CA GLY A 532 5.99 -5.01 22.29
C GLY A 532 5.81 -6.00 21.16
N THR A 533 4.95 -5.70 20.17
CA THR A 533 4.49 -6.72 19.20
C THR A 533 4.85 -6.34 17.77
N PHE A 534 4.67 -5.08 17.30
CA PHE A 534 5.05 -4.74 15.90
C PHE A 534 5.25 -3.26 15.60
N ALA A 535 5.32 -2.36 16.57
CA ALA A 535 5.23 -0.91 16.31
C ALA A 535 6.62 -0.22 16.39
N MET A 536 7.72 -0.97 16.45
CA MET A 536 9.07 -0.38 16.50
C MET A 536 9.64 -0.17 15.09
N ALA A 537 10.58 0.77 15.00
CA ALA A 537 11.28 1.17 13.76
C ALA A 537 12.78 1.30 14.04
N ALA A 538 13.59 0.83 13.10
CA ALA A 538 15.06 0.85 13.20
C ALA A 538 15.64 0.61 11.81
N SER A 539 16.95 0.84 11.66
CA SER A 539 17.70 0.50 10.44
C SER A 539 17.91 -1.02 10.40
N ALA A 540 18.05 -1.57 9.20
CA ALA A 540 18.54 -2.94 8.95
C ALA A 540 19.82 -3.20 9.75
N SER A 541 20.74 -2.23 9.80
CA SER A 541 22.06 -2.32 10.47
C SER A 541 21.88 -2.56 11.96
N SER A 542 21.01 -1.76 12.59
CA SER A 542 20.63 -1.91 14.02
C SER A 542 20.11 -3.33 14.28
N LEU A 543 19.33 -3.90 13.36
CA LEU A 543 18.79 -5.28 13.51
C LEU A 543 19.94 -6.30 13.48
N ALA A 544 20.84 -6.17 12.50
CA ALA A 544 21.92 -7.14 12.23
C ALA A 544 22.85 -7.15 13.45
N LYS A 545 23.12 -5.96 13.99
CA LYS A 545 23.97 -5.72 15.19
C LYS A 545 23.32 -6.39 16.39
N PHE A 546 22.06 -6.05 16.67
CA PHE A 546 21.31 -6.52 17.87
C PHE A 546 21.33 -8.05 17.97
N ILE A 547 21.09 -8.75 16.85
CA ILE A 547 20.87 -10.23 16.89
C ILE A 547 22.22 -10.93 17.07
N GLY A 548 23.31 -10.15 17.02
CA GLY A 548 24.67 -10.62 17.32
C GLY A 548 24.85 -11.10 18.77
N SER A 549 24.03 -10.63 19.71
CA SER A 549 24.14 -10.98 21.14
C SER A 549 22.77 -11.28 21.77
N HIS A 550 21.71 -11.37 20.95
CA HIS A 550 20.31 -11.68 21.37
C HIS A 550 19.69 -12.69 20.40
N ALA A 551 18.84 -13.58 20.90
CA ALA A 551 18.05 -14.54 20.10
C ALA A 551 17.18 -13.80 19.05
N VAL A 552 17.39 -14.09 17.77
CA VAL A 552 16.57 -13.50 16.67
C VAL A 552 15.16 -14.10 16.73
N TRP A 553 15.10 -15.34 17.24
CA TRP A 553 13.88 -16.14 17.50
C TRP A 553 14.08 -16.84 18.85
N GLY A 554 13.02 -16.96 19.64
CA GLY A 554 13.09 -17.45 21.03
C GLY A 554 13.73 -16.42 21.94
N THR A 555 14.42 -16.89 22.97
CA THR A 555 14.81 -16.07 24.13
C THR A 555 16.22 -16.47 24.57
N GLY A 556 17.11 -15.51 24.67
CA GLY A 556 18.45 -15.71 25.25
C GLY A 556 19.47 -15.02 24.39
N GLY A 557 20.66 -15.62 24.28
CA GLY A 557 21.74 -15.17 23.41
C GLY A 557 21.50 -15.56 21.97
N ARG A 558 22.45 -15.19 21.11
CA ARG A 558 22.45 -15.45 19.65
C ARG A 558 22.06 -16.90 19.40
N VAL A 559 21.18 -17.14 18.44
CA VAL A 559 20.79 -18.50 17.95
C VAL A 559 20.91 -18.48 16.44
N SER A 560 20.96 -19.65 15.82
CA SER A 560 20.90 -19.85 14.36
C SER A 560 19.43 -20.03 14.00
N SER A 561 18.76 -18.92 13.65
CA SER A 561 17.33 -18.88 13.27
C SER A 561 17.06 -17.56 12.55
N ASN A 562 15.78 -17.17 12.46
CA ASN A 562 15.37 -15.95 11.72
C ASN A 562 13.98 -15.52 12.17
N ARG A 563 13.65 -14.26 11.90
CA ARG A 563 12.36 -13.64 12.28
C ARG A 563 12.00 -12.65 11.18
N ASP A 564 10.71 -12.53 10.91
CA ASP A 564 10.16 -11.61 9.89
C ASP A 564 9.00 -10.84 10.53
N GLY A 565 8.60 -9.77 9.85
CA GLY A 565 7.41 -8.97 10.20
C GLY A 565 6.75 -8.52 8.94
N SER A 566 5.43 -8.43 8.98
CA SER A 566 4.53 -7.93 7.93
C SER A 566 3.48 -7.02 8.59
N LEU A 567 3.44 -5.75 8.22
CA LEU A 567 2.31 -4.84 8.50
C LEU A 567 1.98 -4.14 7.19
N SER A 568 0.81 -3.51 7.14
CA SER A 568 0.49 -2.48 6.13
C SER A 568 1.61 -1.47 6.19
N GLY A 569 2.39 -1.34 5.12
CA GLY A 569 3.49 -0.37 5.00
C GLY A 569 4.88 -0.93 5.28
N ALA A 570 5.05 -2.23 5.61
CA ALA A 570 6.36 -2.74 6.08
C ALA A 570 6.55 -4.25 5.87
N ARG A 571 7.76 -4.64 5.50
CA ARG A 571 8.27 -6.02 5.51
C ARG A 571 9.69 -5.96 6.07
N ALA A 572 10.00 -6.83 7.03
CA ALA A 572 11.35 -6.93 7.63
C ALA A 572 11.71 -8.39 7.88
N TYR A 573 12.98 -8.70 7.69
CA TYR A 573 13.57 -10.04 7.91
C TYR A 573 14.94 -9.85 8.54
N VAL A 574 15.24 -10.71 9.50
CA VAL A 574 16.58 -10.87 10.14
C VAL A 574 16.90 -12.35 10.29
N GLU A 575 18.17 -12.70 10.18
CA GLU A 575 18.67 -14.10 10.23
C GLU A 575 20.08 -14.08 10.79
N SER A 576 20.32 -14.95 11.77
CA SER A 576 21.65 -15.43 12.15
C SER A 576 21.91 -16.73 11.40
N ARG A 577 22.85 -16.71 10.44
CA ARG A 577 23.38 -17.93 9.79
C ARG A 577 24.91 -17.92 9.84
N GLY A 578 25.49 -19.04 10.29
CA GLY A 578 26.94 -19.22 10.51
C GLY A 578 27.46 -18.15 11.46
N THR A 579 28.50 -17.40 11.07
CA THR A 579 29.21 -16.47 11.98
C THR A 579 28.54 -15.10 11.96
N ILE A 580 27.84 -14.77 10.89
CA ILE A 580 27.32 -13.40 10.61
C ILE A 580 25.81 -13.32 10.85
N ASP A 581 25.33 -12.07 10.93
CA ASP A 581 23.90 -11.69 11.07
C ASP A 581 23.58 -10.76 9.90
N TRP A 582 22.40 -10.92 9.31
CA TRP A 582 21.94 -10.03 8.22
C TRP A 582 20.47 -9.67 8.38
N ALA A 583 20.10 -8.53 7.82
CA ALA A 583 18.75 -7.95 7.92
C ALA A 583 18.37 -7.31 6.59
N LEU A 584 17.07 -7.16 6.43
CA LEU A 584 16.45 -6.62 5.19
C LEU A 584 15.21 -5.90 5.67
N THR A 585 15.07 -4.64 5.26
CA THR A 585 13.89 -3.79 5.50
C THR A 585 13.37 -3.33 4.14
N LEU A 586 12.05 -3.40 3.95
CA LEU A 586 11.30 -2.84 2.80
C LEU A 586 10.27 -1.86 3.33
N ASN A 587 9.94 -0.85 2.51
CA ASN A 587 8.96 0.20 2.89
C ASN A 587 7.56 -0.22 2.43
N THR A 588 7.30 -1.51 2.31
CA THR A 588 6.00 -2.03 1.82
C THR A 588 5.94 -3.54 2.06
N ARG A 589 4.73 -4.09 2.12
CA ARG A 589 4.53 -5.54 1.94
C ARG A 589 3.80 -5.79 0.61
N GLU A 590 3.50 -4.75 -0.19
CA GLU A 590 2.67 -4.87 -1.42
C GLU A 590 3.59 -5.01 -2.65
N TYR A 591 4.62 -5.84 -2.50
CA TYR A 591 5.36 -6.49 -3.60
C TYR A 591 4.34 -7.40 -4.31
N ILE A 592 4.71 -8.01 -5.45
CA ILE A 592 3.79 -8.77 -6.35
C ILE A 592 3.15 -9.95 -5.59
N SER A 593 3.95 -10.76 -4.90
CA SER A 593 3.46 -11.99 -4.23
C SER A 593 4.49 -12.42 -3.18
N GLU A 594 4.16 -13.41 -2.36
CA GLU A 594 5.07 -13.92 -1.29
C GLU A 594 6.24 -14.60 -1.96
N THR A 595 6.01 -15.24 -3.10
CA THR A 595 7.02 -16.04 -3.81
C THR A 595 8.17 -15.12 -4.24
N GLU A 596 7.88 -13.88 -4.65
CA GLU A 596 8.93 -12.88 -4.98
C GLU A 596 9.76 -12.61 -3.71
N PHE A 597 9.10 -12.40 -2.57
CA PHE A 597 9.84 -12.01 -1.34
C PHE A 597 10.61 -13.23 -0.83
N ASP A 598 9.96 -14.38 -0.77
CA ASP A 598 10.57 -15.64 -0.26
C ASP A 598 11.80 -16.00 -1.09
N GLU A 599 11.78 -15.78 -2.40
CA GLU A 599 12.93 -16.07 -3.30
C GLU A 599 14.11 -15.16 -2.90
N LEU A 600 13.81 -13.89 -2.61
CA LEU A 600 14.84 -12.89 -2.19
C LEU A 600 15.47 -13.35 -0.85
N ARG A 601 14.65 -13.69 0.16
CA ARG A 601 15.18 -13.87 1.54
C ARG A 601 15.69 -15.30 1.78
N TRP A 602 15.26 -16.28 0.97
CA TRP A 602 15.56 -17.73 1.18
C TRP A 602 16.54 -18.30 0.15
N TYR A 603 16.63 -17.72 -1.07
CA TYR A 603 17.66 -18.12 -2.07
C TYR A 603 18.61 -16.96 -2.37
N SER A 604 18.11 -15.86 -2.90
CA SER A 604 18.95 -14.82 -3.53
C SER A 604 19.99 -14.30 -2.54
N LEU A 605 19.58 -13.72 -1.41
CA LEU A 605 20.52 -13.07 -0.48
C LEU A 605 21.41 -14.10 0.25
N PRO A 606 20.89 -15.26 0.72
CA PRO A 606 21.74 -16.31 1.29
C PRO A 606 22.77 -16.88 0.29
N ASP A 607 22.35 -17.09 -0.96
CA ASP A 607 23.25 -17.58 -2.03
C ASP A 607 24.36 -16.53 -2.26
N PHE A 608 24.05 -15.23 -2.14
CA PHE A 608 25.04 -14.12 -2.21
C PHE A 608 26.05 -14.27 -1.06
N LEU A 609 25.56 -14.49 0.15
CA LEU A 609 26.43 -14.58 1.35
C LEU A 609 27.37 -15.79 1.24
N SER A 610 26.92 -16.86 0.58
CA SER A 610 27.72 -18.09 0.31
C SER A 610 28.82 -17.78 -0.70
N ALA A 611 28.46 -17.07 -1.78
CA ALA A 611 29.32 -16.91 -2.98
C ALA A 611 30.35 -15.81 -2.72
N PHE A 612 30.06 -14.90 -1.79
CA PHE A 612 30.92 -13.76 -1.41
C PHE A 612 31.28 -13.85 0.07
N PRO A 613 32.45 -14.44 0.41
CA PRO A 613 32.82 -14.65 1.81
C PRO A 613 33.22 -13.36 2.52
N ILE A 614 33.12 -13.37 3.84
CA ILE A 614 33.62 -12.27 4.71
C ILE A 614 35.15 -12.32 4.70
N ALA A 615 35.78 -11.20 5.05
CA ALA A 615 37.25 -11.02 5.14
C ALA A 615 37.86 -12.24 5.82
N GLY A 616 38.88 -12.84 5.19
CA GLY A 616 39.58 -14.07 5.64
C GLY A 616 40.39 -13.80 6.91
C1 NAG B . -0.32 -4.23 37.18
C2 NAG B . -0.43 -2.83 37.76
C3 NAG B . -1.68 -2.80 38.62
C4 NAG B . -2.91 -3.17 37.80
C5 NAG B . -2.70 -4.53 37.10
C6 NAG B . -3.88 -4.87 36.20
C7 NAG B . 1.64 -1.67 38.39
C8 NAG B . 2.66 -1.62 39.50
N2 NAG B . 0.67 -2.56 38.62
O3 NAG B . -1.80 -1.50 39.15
O4 NAG B . -4.00 -3.29 38.71
O5 NAG B . -1.47 -4.50 36.36
O6 NAG B . -4.04 -3.85 35.19
O7 NAG B . 1.68 -0.98 37.38
H1 NAG B . -0.31 -4.87 37.95
H2 NAG B . -0.51 -2.16 37.04
H3 NAG B . -1.58 -3.44 39.36
H4 NAG B . -3.07 -2.47 37.12
H5 NAG B . -2.64 -5.22 37.80
H61 NAG B . -4.71 -4.94 36.73
H62 NAG B . -3.72 -5.74 35.76
H81 NAG B . 3.06 -2.51 39.63
H82 NAG B . 3.37 -0.98 39.27
H83 NAG B . 2.22 -1.33 40.34
HN2 NAG B . 0.71 -3.04 39.38
HO3 NAG B . -2.47 -1.46 39.65
HO6 NAG B . -4.71 -4.05 34.71
C1 NAG B . -4.98 -2.27 38.51
C2 NAG B . -6.21 -2.83 39.20
C3 NAG B . -7.33 -1.81 39.26
C4 NAG B . -6.85 -0.45 39.73
C5 NAG B . -5.63 -0.01 38.93
C6 NAG B . -5.11 1.34 39.40
C7 NAG B . -6.51 -5.26 38.99
C8 NAG B . -7.29 -6.36 38.32
N2 NAG B . -6.71 -4.03 38.53
O3 NAG B . -8.33 -2.29 40.15
O4 NAG B . -7.96 0.45 39.55
O5 NAG B . -4.60 -1.00 39.03
O6 NAG B . -4.25 1.90 38.40
O7 NAG B . -5.77 -5.53 39.92
H1 NAG B . -5.19 -2.19 37.54
H2 NAG B . -5.96 -3.06 40.13
H3 NAG B . -7.70 -1.71 38.35
H4 NAG B . -6.59 -0.52 40.69
H5 NAG B . -5.91 0.08 37.99
H61 NAG B . -4.60 1.23 40.25
H62 NAG B . -5.86 1.96 39.57
H81 NAG B . -7.03 -6.40 37.36
H82 NAG B . -7.08 -7.22 38.76
H83 NAG B . -8.26 -6.16 38.39
HN2 NAG B . -7.25 -3.90 37.83
HO3 NAG B . -8.98 -1.75 40.15
HO6 NAG B . -3.92 2.62 38.66
C1 BMA B . -8.52 0.98 40.78
C2 BMA B . -8.88 2.43 40.48
C3 BMA B . -9.68 3.08 41.60
C4 BMA B . -10.85 2.17 41.97
C5 BMA B . -10.27 0.83 42.43
C6 BMA B . -11.33 -0.08 43.05
O2 BMA B . -9.60 2.48 39.24
O3 BMA B . -10.10 4.41 41.21
O4 BMA B . -11.66 2.77 42.98
O5 BMA B . -9.65 0.22 41.29
O6 BMA B . -10.83 -1.41 43.25
H1 BMA B . -7.82 0.99 41.48
H2 BMA B . -8.03 2.92 40.38
H3 BMA B . -9.09 3.14 42.39
H4 BMA B . -11.39 2.02 41.16
H5 BMA B . -9.58 1.01 43.12
H61 BMA B . -12.12 -0.12 42.46
H62 BMA B . -11.63 0.29 43.92
HO2 BMA B . -9.16 2.10 38.64
HO4 BMA B . -11.90 3.51 42.77
HO6 BMA B . -10.06 -1.48 42.92
C1 MAN B . -9.02 5.37 41.29
C2 MAN B . -9.54 6.63 41.97
C3 MAN B . -10.49 7.39 41.04
C4 MAN B . -10.07 7.42 39.56
C5 MAN B . -9.32 6.18 39.03
C6 MAN B . -8.60 6.50 37.70
O2 MAN B . -8.46 7.46 42.48
O3 MAN B . -10.64 8.73 41.53
O4 MAN B . -11.24 7.54 38.73
O5 MAN B . -8.42 5.66 40.02
O6 MAN B . -7.63 7.54 37.85
H1 MAN B . -8.31 5.00 41.87
H2 MAN B . -10.08 6.33 42.75
H3 MAN B . -11.37 6.94 41.08
H4 MAN B . -9.49 8.21 39.42
H5 MAN B . -10.00 5.49 38.83
H61 MAN B . -9.27 6.76 37.03
H62 MAN B . -8.16 5.68 37.38
HO2 MAN B . -7.97 7.03 42.93
HO3 MAN B . -10.94 8.65 42.32
HO4 MAN B . -11.74 8.13 38.96
HO6 MAN B . -7.54 7.78 38.70
C1 NAG C . 10.33 -16.94 40.74
C2 NAG C . 9.25 -16.19 41.51
C3 NAG C . 9.62 -16.08 42.99
C4 NAG C . 10.07 -17.43 43.55
C5 NAG C . 11.11 -18.15 42.69
C6 NAG C . 11.34 -19.58 43.14
C7 NAG C . 7.93 -14.41 40.37
C8 NAG C . 7.86 -12.96 40.01
N2 NAG C . 9.08 -14.86 40.91
O3 NAG C . 8.50 -15.64 43.77
O4 NAG C . 10.59 -17.24 44.88
O5 NAG C . 10.62 -18.22 41.34
O6 NAG C . 10.09 -20.29 43.00
O7 NAG C . 6.96 -15.13 40.21
H1 NAG C . 11.15 -16.39 40.77
H2 NAG C . 8.40 -16.70 41.43
H3 NAG C . 10.37 -15.44 43.09
H4 NAG C . 9.27 -18.00 43.58
H5 NAG C . 11.97 -17.65 42.72
H61 NAG C . 11.62 -19.59 44.08
H62 NAG C . 12.04 -20.01 42.59
H81 NAG C . 8.60 -12.73 39.38
H82 NAG C . 6.99 -12.76 39.58
H83 NAG C . 7.96 -12.41 40.82
HN2 NAG C . 9.77 -14.29 40.99
HO3 NAG C . 8.70 -15.56 44.56
HO6 NAG C . 10.16 -21.08 43.25
C1 NAG C . 9.64 -17.74 45.85
C2 NAG C . 10.35 -18.20 47.13
C3 NAG C . 9.28 -18.83 48.03
C4 NAG C . 8.08 -17.90 48.23
C5 NAG C . 7.55 -17.35 46.90
C6 NAG C . 6.44 -16.32 47.11
C7 NAG C . 12.73 -18.85 46.93
C8 NAG C . 13.70 -19.98 46.70
N2 NAG C . 11.43 -19.16 46.90
O3 NAG C . 9.85 -19.17 49.30
O4 NAG C . 7.05 -18.62 48.91
O5 NAG C . 8.63 -16.79 46.16
O6 NAG C . 6.95 -15.14 47.77
O7 NAG C . 13.13 -17.72 47.12
H1 NAG C . 9.21 -18.55 45.48
H2 NAG C . 10.70 -17.40 47.60
H3 NAG C . 8.96 -19.66 47.59
H4 NAG C . 8.38 -17.14 48.79
H5 NAG C . 7.16 -18.10 46.40
H61 NAG C . 5.71 -16.71 47.65
H62 NAG C . 6.06 -16.06 46.24
H81 NAG C . 13.50 -20.43 45.84
H82 NAG C . 14.62 -19.62 46.67
H83 NAG C . 13.63 -20.64 47.44
HN2 NAG C . 11.20 -20.01 46.74
HO3 NAG C . 9.22 -19.69 49.69
HO4 NAG C . 6.34 -18.21 48.99
HO6 NAG C . 6.37 -14.58 47.92
#